data_8ADX
#
_entry.id   8ADX
#
_cell.length_a   57.737
_cell.length_b   104.847
_cell.length_c   81.495
_cell.angle_alpha   90.000
_cell.angle_beta   109.865
_cell.angle_gamma   90.000
#
_symmetry.space_group_name_H-M   'P 1 21 1'
#
loop_
_entity.id
_entity.type
_entity.pdbx_description
1 polymer 'Phenolic acid decarboxylase N55'
2 non-polymer 'SULFATE ION'
3 water water
#
_entity_poly.entity_id   1
_entity_poly.type   'polypeptide(L)'
_entity_poly.pdbx_seq_one_letter_code
;MGSSHHHHHHSSGLVPRGSHMSDAFESTRPEELTGFVGKHLIYTYDNGWQYEMYVKNERTIDYRIHSGMVGGRWVRDQLV
HIVRLSDDVYKISWDEPTGTTVSVAVNLAERRLHGVIFFPQWIAQDPKKTVCFQNDHLDEMRAYRDAGPTYPKLVIDEFA
TITFMEDCGADDETVIACAPSELPAGYAARRN
;
_entity_poly.pdbx_strand_id   A,B,C,D
#
loop_
_chem_comp.id
_chem_comp.type
_chem_comp.name
_chem_comp.formula
SO4 non-polymer 'SULFATE ION' 'O4 S -2'
#
# COMPACT_ATOMS: atom_id res chain seq x y z
N ALA A 24 11.21 33.39 14.49
CA ALA A 24 10.15 32.37 14.38
C ALA A 24 10.00 31.89 12.94
N PHE A 25 10.35 32.72 11.94
CA PHE A 25 10.37 32.32 10.55
C PHE A 25 11.79 32.18 9.99
N GLU A 26 12.76 31.93 10.88
CA GLU A 26 14.13 31.72 10.47
C GLU A 26 14.28 30.64 9.38
N SER A 27 13.50 29.54 9.51
CA SER A 27 13.58 28.43 8.60
C SER A 27 13.00 28.73 7.22
N THR A 28 12.30 29.88 7.04
CA THR A 28 11.74 30.25 5.73
C THR A 28 12.87 30.78 4.85
N ARG A 29 13.13 30.09 3.74
CA ARG A 29 14.23 30.36 2.82
C ARG A 29 13.69 30.50 1.39
N PRO A 30 13.29 31.71 0.99
CA PRO A 30 12.67 31.87 -0.32
C PRO A 30 13.40 31.25 -1.50
N GLU A 31 14.73 31.34 -1.50
CA GLU A 31 15.57 30.82 -2.57
C GLU A 31 15.36 29.32 -2.78
N GLU A 32 14.97 28.59 -1.72
CA GLU A 32 14.79 27.14 -1.82
C GLU A 32 13.35 26.78 -2.22
N LEU A 33 12.49 27.77 -2.35
CA LEU A 33 11.05 27.49 -2.49
C LEU A 33 10.49 27.91 -3.86
N THR A 34 11.35 28.31 -4.78
CA THR A 34 10.90 28.84 -6.07
C THR A 34 10.14 27.77 -6.88
N GLY A 35 10.38 26.48 -6.68
CA GLY A 35 9.57 25.47 -7.38
C GLY A 35 8.21 25.13 -6.77
N PHE A 36 7.90 25.78 -5.64
CA PHE A 36 6.72 25.42 -4.86
C PHE A 36 5.78 26.61 -4.67
N VAL A 37 6.34 27.78 -4.36
CA VAL A 37 5.50 28.96 -4.24
C VAL A 37 4.78 29.16 -5.58
N GLY A 38 3.50 29.48 -5.47
CA GLY A 38 2.68 29.68 -6.64
C GLY A 38 1.81 28.46 -6.92
N LYS A 39 2.11 27.32 -6.32
CA LYS A 39 1.36 26.11 -6.62
C LYS A 39 -0.07 26.23 -6.12
N HIS A 40 -0.98 25.60 -6.87
CA HIS A 40 -2.38 25.59 -6.52
C HIS A 40 -2.88 24.20 -6.76
N LEU A 41 -3.29 23.53 -5.69
CA LEU A 41 -3.58 22.13 -5.72
C LEU A 41 -4.99 21.85 -5.24
N ILE A 42 -5.70 20.94 -5.94
CA ILE A 42 -6.90 20.34 -5.42
C ILE A 42 -6.61 18.84 -5.16
N TYR A 43 -7.01 18.34 -3.99
CA TYR A 43 -6.69 17.01 -3.58
C TYR A 43 -7.76 16.38 -2.73
N THR A 44 -7.82 15.06 -2.77
CA THR A 44 -8.79 14.30 -1.97
C THR A 44 -8.08 13.32 -1.03
N TYR A 45 -8.27 13.53 0.27
CA TYR A 45 -7.70 12.61 1.27
C TYR A 45 -8.35 11.23 1.13
N ASP A 46 -7.67 10.21 1.70
CA ASP A 46 -8.14 8.86 1.62
C ASP A 46 -9.52 8.65 2.25
N ASN A 47 -9.91 9.53 3.21
CA ASN A 47 -11.23 9.50 3.84
C ASN A 47 -12.31 10.21 2.99
N GLY A 48 -11.96 10.65 1.79
CA GLY A 48 -12.90 11.28 0.87
C GLY A 48 -13.02 12.82 0.96
N TRP A 49 -12.42 13.44 1.98
CA TRP A 49 -12.50 14.89 2.12
C TRP A 49 -11.67 15.57 1.04
N GLN A 50 -12.26 16.53 0.34
CA GLN A 50 -11.65 17.24 -0.78
C GLN A 50 -11.26 18.66 -0.40
N TYR A 51 -9.98 18.94 -0.52
CA TYR A 51 -9.33 20.18 -0.08
C TYR A 51 -8.67 20.88 -1.26
N GLU A 52 -8.39 22.16 -1.08
CA GLU A 52 -7.69 22.96 -2.09
C GLU A 52 -6.76 23.93 -1.39
N MET A 53 -5.53 24.12 -1.88
CA MET A 53 -4.57 25.04 -1.25
C MET A 53 -3.89 25.84 -2.34
N TYR A 54 -3.62 27.12 -2.04
CA TYR A 54 -2.81 27.96 -2.88
C TYR A 54 -1.61 28.44 -2.07
N VAL A 55 -0.41 28.21 -2.58
CA VAL A 55 0.80 28.65 -1.91
C VAL A 55 1.12 30.05 -2.44
N LYS A 56 0.57 31.05 -1.77
CA LYS A 56 0.50 32.41 -2.34
C LYS A 56 1.86 33.14 -2.23
N ASN A 57 2.65 32.83 -1.20
CA ASN A 57 4.01 33.33 -1.12
C ASN A 57 4.77 32.47 -0.13
N GLU A 58 5.99 32.87 0.21
CA GLU A 58 6.87 32.04 0.98
C GLU A 58 6.37 31.79 2.38
N ARG A 59 5.40 32.61 2.85
CA ARG A 59 4.95 32.44 4.21
C ARG A 59 3.43 32.51 4.29
N THR A 60 2.73 32.33 3.16
CA THR A 60 1.29 32.46 3.22
C THR A 60 0.63 31.42 2.36
N ILE A 61 -0.53 30.90 2.79
CA ILE A 61 -1.39 30.09 1.95
C ILE A 61 -2.84 30.62 2.08
N ASP A 62 -3.59 30.39 1.02
CA ASP A 62 -5.04 30.41 1.10
C ASP A 62 -5.54 28.98 0.95
N TYR A 63 -6.67 28.61 1.58
CA TYR A 63 -7.17 27.28 1.37
C TYR A 63 -8.68 27.26 1.36
N ARG A 64 -9.23 26.16 0.86
CA ARG A 64 -10.68 26.09 0.62
C ARG A 64 -11.06 24.61 0.73
N ILE A 65 -12.01 24.30 1.61
CA ILE A 65 -12.41 22.94 1.86
C ILE A 65 -13.74 22.69 1.15
N HIS A 66 -13.79 21.67 0.32
CA HIS A 66 -14.90 21.38 -0.54
C HIS A 66 -15.86 20.35 0.04
N SER A 67 -15.37 19.42 0.87
CA SER A 67 -16.22 18.37 1.42
C SER A 67 -15.63 17.85 2.72
N GLY A 68 -16.41 17.05 3.42
CA GLY A 68 -15.95 16.44 4.66
C GLY A 68 -16.46 17.17 5.90
N MET A 69 -15.85 16.85 7.02
CA MET A 69 -16.30 17.36 8.33
C MET A 69 -16.40 18.89 8.35
N VAL A 70 -15.51 19.60 7.62
CA VAL A 70 -15.59 21.06 7.65
C VAL A 70 -15.69 21.59 6.22
N GLY A 71 -16.44 20.91 5.34
CA GLY A 71 -16.68 21.36 3.99
C GLY A 71 -17.46 22.66 4.02
N GLY A 72 -17.05 23.58 3.15
CA GLY A 72 -17.53 24.93 3.18
C GLY A 72 -16.59 25.94 3.79
N ARG A 73 -15.66 25.49 4.65
CA ARG A 73 -14.72 26.41 5.30
C ARG A 73 -13.68 26.86 4.28
N TRP A 74 -13.34 28.15 4.30
CA TRP A 74 -12.24 28.65 3.52
C TRP A 74 -11.53 29.75 4.30
N VAL A 75 -10.29 30.03 3.95
CA VAL A 75 -9.33 30.80 4.75
C VAL A 75 -8.35 31.47 3.79
N ARG A 76 -8.17 32.78 3.95
CA ARG A 76 -7.13 33.49 3.21
C ARG A 76 -6.05 34.01 4.18
N ASP A 77 -4.85 34.21 3.65
CA ASP A 77 -3.73 34.83 4.35
C ASP A 77 -3.34 34.13 5.64
N GLN A 78 -3.34 32.79 5.61
CA GLN A 78 -2.79 31.98 6.70
C GLN A 78 -1.28 32.01 6.70
N LEU A 79 -0.69 32.54 7.79
CA LEU A 79 0.75 32.48 7.88
C LEU A 79 1.20 31.02 8.07
N VAL A 80 2.23 30.61 7.32
CA VAL A 80 2.75 29.26 7.37
C VAL A 80 4.27 29.22 7.36
N HIS A 81 4.75 28.06 7.80
CA HIS A 81 6.14 27.67 7.71
C HIS A 81 6.29 26.70 6.55
N ILE A 82 7.00 27.14 5.49
CA ILE A 82 7.20 26.34 4.28
C ILE A 82 8.68 26.02 4.16
N VAL A 83 8.99 24.71 4.14
CA VAL A 83 10.35 24.26 3.91
C VAL A 83 10.43 23.21 2.79
N ARG A 84 11.60 23.28 2.20
CA ARG A 84 12.03 22.25 1.23
C ARG A 84 12.66 21.04 1.95
N LEU A 85 12.11 19.84 1.77
CA LEU A 85 12.69 18.63 2.36
C LEU A 85 13.66 17.88 1.44
N SER A 86 13.39 17.96 0.14
CA SER A 86 14.14 17.38 -0.95
C SER A 86 13.77 18.19 -2.19
N ASP A 87 14.38 17.83 -3.32
CA ASP A 87 14.06 18.48 -4.57
C ASP A 87 12.57 18.37 -4.88
N ASP A 88 11.92 17.24 -4.52
CA ASP A 88 10.51 17.04 -4.86
C ASP A 88 9.51 17.29 -3.74
N VAL A 89 10.01 17.34 -2.46
CA VAL A 89 9.11 17.31 -1.33
C VAL A 89 9.19 18.63 -0.57
N TYR A 90 8.00 19.18 -0.30
CA TYR A 90 7.88 20.41 0.47
C TYR A 90 6.89 20.23 1.62
N LYS A 91 7.13 20.98 2.68
CA LYS A 91 6.32 20.87 3.90
C LYS A 91 5.80 22.25 4.28
N ILE A 92 4.52 22.30 4.72
CA ILE A 92 3.80 23.51 5.11
C ILE A 92 3.13 23.26 6.45
N SER A 93 3.45 24.03 7.45
CA SER A 93 2.94 23.79 8.78
C SER A 93 2.39 25.09 9.36
N TRP A 94 1.35 25.04 10.20
CA TRP A 94 0.73 26.26 10.67
C TRP A 94 -0.17 26.00 11.88
N ASP A 95 -0.44 27.12 12.59
CA ASP A 95 -1.32 27.17 13.74
C ASP A 95 -2.51 28.01 13.30
N GLU A 96 -3.72 27.58 13.64
CA GLU A 96 -4.94 28.28 13.23
C GLU A 96 -5.58 28.99 14.41
N PRO A 97 -6.37 30.05 14.15
CA PRO A 97 -7.02 30.77 15.24
C PRO A 97 -8.05 29.97 16.05
N THR A 98 -8.52 28.86 15.49
CA THR A 98 -9.38 27.91 16.15
C THR A 98 -8.65 27.01 17.17
N GLY A 99 -7.29 27.00 17.14
CA GLY A 99 -6.49 26.10 17.96
C GLY A 99 -5.98 24.89 17.17
N THR A 100 -6.45 24.70 15.94
CA THR A 100 -6.02 23.58 15.16
C THR A 100 -4.57 23.79 14.71
N THR A 101 -3.78 22.72 14.78
CA THR A 101 -2.44 22.73 14.21
C THR A 101 -2.34 21.73 13.05
N VAL A 102 -1.52 22.05 12.04
CA VAL A 102 -1.48 21.30 10.81
C VAL A 102 -0.06 21.17 10.33
N SER A 103 0.29 19.99 9.81
CA SER A 103 1.45 19.90 8.95
C SER A 103 1.10 19.04 7.70
N VAL A 104 1.32 19.65 6.53
CA VAL A 104 1.09 19.02 5.24
C VAL A 104 2.46 18.86 4.58
N ALA A 105 2.64 17.73 3.91
CA ALA A 105 3.74 17.58 2.97
C ALA A 105 3.21 17.26 1.58
N VAL A 106 3.93 17.76 0.58
CA VAL A 106 3.62 17.54 -0.82
C VAL A 106 4.82 16.96 -1.55
N ASN A 107 4.56 15.87 -2.27
CA ASN A 107 5.54 15.32 -3.18
C ASN A 107 5.08 15.71 -4.59
N LEU A 108 5.80 16.68 -5.16
CA LEU A 108 5.34 17.25 -6.44
C LEU A 108 5.41 16.26 -7.58
N ALA A 109 6.46 15.43 -7.53
CA ALA A 109 6.74 14.49 -8.60
C ALA A 109 5.68 13.38 -8.57
N GLU A 110 5.38 12.89 -7.38
CA GLU A 110 4.46 11.79 -7.19
C GLU A 110 3.01 12.24 -7.13
N ARG A 111 2.76 13.57 -7.05
CA ARG A 111 1.41 14.12 -6.97
C ARG A 111 0.67 13.51 -5.78
N ARG A 112 1.43 13.35 -4.69
CA ARG A 112 0.89 12.81 -3.46
C ARG A 112 1.10 13.83 -2.36
N LEU A 113 0.02 14.01 -1.58
CA LEU A 113 0.08 14.86 -0.39
C LEU A 113 -0.16 14.01 0.86
N HIS A 114 0.47 14.42 1.96
CA HIS A 114 0.13 13.87 3.24
C HIS A 114 -0.22 14.98 4.22
N GLY A 115 -1.32 14.88 4.93
CA GLY A 115 -1.62 15.83 6.00
C GLY A 115 -1.80 15.22 7.35
N VAL A 116 -1.42 15.96 8.38
CA VAL A 116 -1.81 15.65 9.76
C VAL A 116 -2.44 16.93 10.28
N ILE A 117 -3.65 16.78 10.83
CA ILE A 117 -4.45 17.86 11.37
C ILE A 117 -4.81 17.47 12.81
N PHE A 118 -4.50 18.33 13.77
CA PHE A 118 -4.83 18.15 15.14
C PHE A 118 -5.94 19.10 15.52
N PHE A 119 -7.21 18.62 15.53
CA PHE A 119 -8.33 19.47 15.87
C PHE A 119 -8.59 19.51 17.36
N PRO A 120 -8.68 20.70 18.00
CA PRO A 120 -9.34 20.81 19.31
C PRO A 120 -10.69 20.08 19.41
N GLN A 121 -10.96 19.54 20.58
CA GLN A 121 -12.14 18.73 20.82
C GLN A 121 -13.41 19.50 20.46
N TRP A 122 -13.45 20.81 20.68
CA TRP A 122 -14.66 21.58 20.40
C TRP A 122 -15.02 21.55 18.93
N ILE A 123 -14.03 21.46 18.05
CA ILE A 123 -14.30 21.35 16.62
C ILE A 123 -14.86 19.96 16.30
N ALA A 124 -14.31 18.92 16.96
CA ALA A 124 -14.76 17.56 16.73
C ALA A 124 -16.23 17.44 17.10
N GLN A 125 -16.62 18.11 18.20
CA GLN A 125 -17.98 18.05 18.70
C GLN A 125 -18.95 18.86 17.82
N ASP A 126 -18.49 20.01 17.30
CA ASP A 126 -19.41 20.87 16.55
C ASP A 126 -18.69 21.53 15.36
N PRO A 127 -18.29 20.75 14.35
CA PRO A 127 -17.39 21.27 13.29
C PRO A 127 -17.96 22.40 12.44
N LYS A 128 -19.27 22.45 12.29
CA LYS A 128 -19.89 23.56 11.56
C LYS A 128 -19.59 24.92 12.16
N LYS A 129 -19.22 25.00 13.43
CA LYS A 129 -18.86 26.28 14.02
C LYS A 129 -17.72 26.93 13.26
N THR A 130 -16.87 26.13 12.59
CA THR A 130 -15.71 26.63 11.87
C THR A 130 -15.96 26.83 10.38
N VAL A 131 -17.18 26.45 9.90
CA VAL A 131 -17.54 26.47 8.51
C VAL A 131 -18.05 27.88 8.17
N CYS A 132 -17.11 28.64 7.62
CA CYS A 132 -17.29 30.04 7.28
C CYS A 132 -16.09 30.54 6.49
N PHE A 133 -16.20 31.76 5.97
CA PHE A 133 -15.02 32.45 5.54
C PHE A 133 -14.31 32.97 6.77
N GLN A 134 -13.31 32.24 7.26
CA GLN A 134 -12.80 32.55 8.58
C GLN A 134 -12.44 34.03 8.78
N ASN A 135 -11.97 34.72 7.76
CA ASN A 135 -11.30 36.00 7.95
C ASN A 135 -12.33 37.04 8.41
N ASP A 136 -13.64 36.74 8.20
CA ASP A 136 -14.71 37.64 8.60
C ASP A 136 -15.28 37.22 9.97
N HIS A 137 -14.70 36.19 10.60
CA HIS A 137 -15.20 35.60 11.83
C HIS A 137 -14.06 35.30 12.80
N LEU A 138 -13.01 36.10 12.76
CA LEU A 138 -11.83 35.87 13.57
C LEU A 138 -12.09 35.93 15.05
N ASP A 139 -12.86 36.92 15.51
CA ASP A 139 -13.14 37.06 16.93
C ASP A 139 -13.94 35.84 17.40
N GLU A 140 -14.89 35.37 16.54
CA GLU A 140 -15.75 34.25 16.88
C GLU A 140 -14.88 33.00 17.06
N MET A 141 -13.96 32.80 16.12
CA MET A 141 -13.11 31.62 16.19
C MET A 141 -12.29 31.66 17.48
N ARG A 142 -11.76 32.82 17.84
CA ARG A 142 -10.91 32.92 19.04
C ARG A 142 -11.75 32.65 20.30
N ALA A 143 -13.01 33.12 20.31
CA ALA A 143 -13.92 32.86 21.42
C ALA A 143 -14.18 31.35 21.58
N TYR A 144 -14.42 30.67 20.46
CA TYR A 144 -14.70 29.25 20.52
C TYR A 144 -13.46 28.52 21.02
N ARG A 145 -12.32 28.96 20.50
CA ARG A 145 -11.05 28.35 20.87
C ARG A 145 -10.90 28.49 22.39
N ASP A 146 -11.22 29.67 22.91
CA ASP A 146 -10.89 29.99 24.32
C ASP A 146 -11.86 29.29 25.26
N ALA A 147 -13.09 29.06 24.78
CA ALA A 147 -14.09 28.40 25.61
C ALA A 147 -13.81 26.90 25.69
N GLY A 148 -13.28 26.33 24.60
CA GLY A 148 -12.98 24.91 24.60
C GLY A 148 -14.21 24.03 24.47
N PRO A 149 -14.11 22.71 24.78
CA PRO A 149 -12.89 22.08 25.23
C PRO A 149 -11.82 21.97 24.15
N THR A 150 -10.58 21.83 24.61
CA THR A 150 -9.43 21.64 23.72
C THR A 150 -9.14 20.17 23.49
N TYR A 151 -9.17 19.39 24.60
CA TYR A 151 -8.67 18.02 24.56
C TYR A 151 -9.79 17.02 24.82
N PRO A 152 -9.68 15.78 24.33
CA PRO A 152 -8.58 15.33 23.50
C PRO A 152 -8.61 15.86 22.06
N LYS A 153 -7.45 15.94 21.41
CA LYS A 153 -7.46 16.30 20.01
C LYS A 153 -8.01 15.17 19.18
N LEU A 154 -8.72 15.54 18.12
CA LEU A 154 -9.05 14.62 17.04
C LEU A 154 -7.94 14.72 16.01
N VAL A 155 -7.22 13.65 15.79
CA VAL A 155 -6.05 13.70 14.93
C VAL A 155 -6.40 12.95 13.66
N ILE A 156 -6.30 13.65 12.53
CA ILE A 156 -6.56 13.13 11.19
C ILE A 156 -5.23 13.10 10.46
N ASP A 157 -4.80 11.90 10.10
CA ASP A 157 -3.53 11.69 9.40
C ASP A 157 -3.80 10.82 8.17
N GLU A 158 -3.67 11.44 6.99
CA GLU A 158 -4.11 10.79 5.78
C GLU A 158 -3.26 11.24 4.58
N PHE A 159 -3.06 10.28 3.69
CA PHE A 159 -2.63 10.54 2.33
C PHE A 159 -3.76 11.18 1.50
N ALA A 160 -3.35 11.89 0.46
CA ALA A 160 -4.30 12.42 -0.53
C ALA A 160 -3.68 12.31 -1.91
N THR A 161 -4.59 12.08 -2.85
CA THR A 161 -4.33 12.21 -4.27
C THR A 161 -4.49 13.66 -4.71
N ILE A 162 -3.47 14.25 -5.34
CA ILE A 162 -3.54 15.58 -5.93
C ILE A 162 -4.12 15.38 -7.32
N THR A 163 -5.37 15.78 -7.48
CA THR A 163 -6.13 15.52 -8.70
C THR A 163 -5.92 16.63 -9.72
N PHE A 164 -5.63 17.86 -9.24
CA PHE A 164 -5.41 19.03 -10.06
C PHE A 164 -4.30 19.86 -9.46
N MET A 165 -3.32 20.24 -10.29
CA MET A 165 -2.25 21.11 -9.82
C MET A 165 -1.91 22.08 -10.95
N GLU A 166 -1.76 23.37 -10.59
CA GLU A 166 -1.34 24.39 -11.54
C GLU A 166 -0.42 25.39 -10.84
N ASP A 167 0.28 26.16 -11.64
CA ASP A 167 1.19 27.18 -11.17
C ASP A 167 0.53 28.53 -11.45
N CYS A 168 0.22 29.26 -10.38
CA CYS A 168 -0.45 30.52 -10.44
C CYS A 168 0.50 31.69 -10.18
N GLY A 169 1.79 31.45 -9.90
CA GLY A 169 2.69 32.50 -9.46
C GLY A 169 2.26 33.00 -8.10
N ALA A 170 3.05 33.92 -7.54
CA ALA A 170 2.84 34.48 -6.21
C ALA A 170 1.82 35.61 -6.18
N ASP A 171 1.12 35.72 -5.04
CA ASP A 171 0.30 36.88 -4.71
C ASP A 171 -0.82 37.14 -5.70
N ASP A 172 -1.37 36.08 -6.33
CA ASP A 172 -2.60 36.20 -7.08
C ASP A 172 -3.76 36.15 -6.11
N GLU A 173 -4.51 37.26 -5.99
CA GLU A 173 -5.53 37.33 -4.96
C GLU A 173 -6.84 36.70 -5.42
N THR A 174 -6.90 36.18 -6.66
CA THR A 174 -8.16 35.70 -7.21
C THR A 174 -8.30 34.20 -7.16
N VAL A 175 -7.20 33.50 -6.82
CA VAL A 175 -7.19 32.05 -6.83
C VAL A 175 -8.20 31.51 -5.84
N ILE A 176 -8.13 31.97 -4.59
CA ILE A 176 -9.02 31.53 -3.55
C ILE A 176 -9.66 32.77 -2.93
N ALA A 177 -10.80 33.14 -3.50
CA ALA A 177 -11.38 34.44 -3.16
C ALA A 177 -12.89 34.35 -2.94
N CYS A 178 -13.46 33.15 -3.06
CA CYS A 178 -14.86 32.93 -2.78
C CYS A 178 -15.12 31.58 -2.14
N ALA A 179 -16.32 31.39 -1.63
CA ALA A 179 -16.75 30.15 -0.99
C ALA A 179 -16.75 29.05 -2.02
N PRO A 180 -16.61 27.78 -1.62
CA PRO A 180 -16.68 26.64 -2.54
C PRO A 180 -18.01 26.51 -3.29
N SER A 181 -19.09 27.06 -2.70
CA SER A 181 -20.41 27.05 -3.33
C SER A 181 -20.54 28.13 -4.43
N GLU A 182 -19.56 29.06 -4.52
CA GLU A 182 -19.68 30.18 -5.45
C GLU A 182 -18.79 29.98 -6.70
N LEU A 183 -18.32 28.75 -6.93
CA LEU A 183 -17.39 28.51 -8.01
C LEU A 183 -18.14 28.05 -9.24
N PRO A 184 -17.54 28.22 -10.44
CA PRO A 184 -18.16 27.75 -11.68
C PRO A 184 -18.35 26.23 -11.59
N ALA A 185 -19.31 25.73 -12.34
CA ALA A 185 -19.62 24.31 -12.29
C ALA A 185 -18.39 23.49 -12.72
N GLY A 186 -18.17 22.42 -11.94
CA GLY A 186 -17.11 21.45 -12.19
C GLY A 186 -15.73 21.88 -11.70
N TYR A 187 -15.63 23.05 -11.02
CA TYR A 187 -14.30 23.56 -10.67
C TYR A 187 -13.41 22.55 -9.95
N ALA A 188 -13.94 21.97 -8.88
CA ALA A 188 -13.21 21.05 -8.04
C ALA A 188 -13.05 19.67 -8.67
N ALA A 189 -13.76 19.39 -9.77
CA ALA A 189 -13.73 18.08 -10.40
C ALA A 189 -12.70 18.04 -11.54
N ARG A 190 -12.10 19.16 -11.87
CA ARG A 190 -11.09 19.20 -12.90
C ARG A 190 -9.91 18.29 -12.56
N ARG A 191 -9.32 17.71 -13.61
CA ARG A 191 -8.43 16.53 -13.66
C ARG A 191 -8.77 15.51 -12.57
N ALA B 24 14.04 -18.06 -8.67
CA ALA B 24 12.72 -18.54 -9.16
C ALA B 24 11.76 -18.75 -7.98
N PHE B 25 12.31 -19.11 -6.81
CA PHE B 25 11.52 -19.31 -5.60
C PHE B 25 11.76 -18.19 -4.58
N GLU B 26 12.21 -17.01 -5.06
CA GLU B 26 12.43 -15.86 -4.20
C GLU B 26 11.19 -15.47 -3.39
N SER B 27 9.98 -15.62 -3.99
CA SER B 27 8.75 -15.23 -3.32
C SER B 27 8.32 -16.25 -2.26
N THR B 28 9.01 -17.39 -2.12
CA THR B 28 8.70 -18.36 -1.08
C THR B 28 9.28 -17.88 0.25
N ARG B 29 8.39 -17.63 1.23
CA ARG B 29 8.76 -17.02 2.52
C ARG B 29 8.23 -17.90 3.65
N PRO B 30 8.99 -18.92 4.09
CA PRO B 30 8.48 -19.86 5.09
C PRO B 30 7.88 -19.21 6.35
N GLU B 31 8.46 -18.09 6.82
CA GLU B 31 7.95 -17.41 8.00
C GLU B 31 6.49 -16.95 7.84
N GLU B 32 6.08 -16.67 6.59
CA GLU B 32 4.71 -16.21 6.34
C GLU B 32 3.72 -17.36 6.14
N LEU B 33 4.21 -18.60 6.11
CA LEU B 33 3.40 -19.74 5.70
C LEU B 33 3.09 -20.74 6.83
N THR B 34 3.46 -20.43 8.05
CA THR B 34 3.30 -21.37 9.19
C THR B 34 1.82 -21.74 9.43
N GLY B 35 0.85 -20.87 9.08
CA GLY B 35 -0.55 -21.19 9.24
C GLY B 35 -1.17 -22.04 8.13
N PHE B 36 -0.35 -22.38 7.12
CA PHE B 36 -0.86 -22.95 5.91
C PHE B 36 -0.18 -24.29 5.61
N VAL B 37 1.14 -24.32 5.76
CA VAL B 37 1.86 -25.56 5.54
C VAL B 37 1.30 -26.58 6.51
N GLY B 38 1.12 -27.78 6.01
CA GLY B 38 0.58 -28.85 6.84
C GLY B 38 -0.89 -29.09 6.53
N LYS B 39 -1.57 -28.13 5.90
CA LYS B 39 -3.02 -28.29 5.74
C LYS B 39 -3.32 -29.39 4.74
N HIS B 40 -4.44 -30.08 4.98
CA HIS B 40 -4.86 -31.19 4.16
C HIS B 40 -6.35 -30.97 3.96
N LEU B 41 -6.75 -30.73 2.72
CA LEU B 41 -8.10 -30.26 2.46
C LEU B 41 -8.73 -31.16 1.40
N ILE B 42 -10.01 -31.44 1.60
CA ILE B 42 -10.83 -32.06 0.57
C ILE B 42 -11.94 -31.02 0.18
N TYR B 43 -12.15 -30.87 -1.12
CA TYR B 43 -13.02 -29.82 -1.63
C TYR B 43 -13.73 -30.24 -2.90
N THR B 44 -14.90 -29.62 -3.10
CA THR B 44 -15.68 -29.89 -4.31
C THR B 44 -15.95 -28.60 -5.05
N TYR B 45 -15.49 -28.51 -6.30
CA TYR B 45 -15.71 -27.34 -7.14
C TYR B 45 -17.19 -27.26 -7.47
N ASP B 46 -17.61 -26.03 -7.87
CA ASP B 46 -18.98 -25.78 -8.23
C ASP B 46 -19.53 -26.67 -9.34
N ASN B 47 -18.64 -27.23 -10.20
CA ASN B 47 -19.06 -28.15 -11.27
C ASN B 47 -19.13 -29.60 -10.77
N GLY B 48 -18.95 -29.83 -9.45
CA GLY B 48 -19.09 -31.14 -8.84
C GLY B 48 -17.79 -31.95 -8.73
N TRP B 49 -16.70 -31.48 -9.33
CA TRP B 49 -15.44 -32.22 -9.31
C TRP B 49 -14.86 -32.14 -7.91
N GLN B 50 -14.46 -33.31 -7.36
CA GLN B 50 -13.95 -33.41 -6.01
C GLN B 50 -12.45 -33.65 -5.99
N TYR B 51 -11.73 -32.74 -5.34
CA TYR B 51 -10.27 -32.71 -5.29
C TYR B 51 -9.78 -32.79 -3.82
N GLU B 52 -8.51 -33.08 -3.66
CA GLU B 52 -7.85 -33.14 -2.35
C GLU B 52 -6.41 -32.63 -2.50
N MET B 53 -5.90 -31.84 -1.57
CA MET B 53 -4.55 -31.29 -1.61
C MET B 53 -3.94 -31.40 -0.22
N TYR B 54 -2.66 -31.73 -0.17
CA TYR B 54 -1.89 -31.69 1.03
C TYR B 54 -0.72 -30.71 0.79
N VAL B 55 -0.59 -29.75 1.67
CA VAL B 55 0.45 -28.75 1.56
C VAL B 55 1.61 -29.24 2.39
N LYS B 56 2.48 -30.03 1.74
CA LYS B 56 3.42 -30.87 2.43
C LYS B 56 4.62 -30.09 2.99
N ASN B 57 5.05 -29.05 2.31
CA ASN B 57 6.01 -28.10 2.85
C ASN B 57 5.90 -26.81 2.05
N GLU B 58 6.83 -25.87 2.31
CA GLU B 58 6.79 -24.54 1.78
C GLU B 58 6.80 -24.49 0.28
N ARG B 59 7.28 -25.55 -0.41
CA ARG B 59 7.35 -25.50 -1.87
C ARG B 59 6.79 -26.78 -2.50
N THR B 60 6.02 -27.60 -1.76
CA THR B 60 5.63 -28.86 -2.31
C THR B 60 4.17 -29.17 -1.94
N ILE B 61 3.41 -29.75 -2.86
CA ILE B 61 2.07 -30.29 -2.54
C ILE B 61 2.00 -31.71 -3.12
N ASP B 62 1.18 -32.51 -2.49
CA ASP B 62 0.65 -33.73 -3.06
C ASP B 62 -0.85 -33.49 -3.31
N TYR B 63 -1.43 -34.07 -4.37
CA TYR B 63 -2.86 -33.86 -4.57
C TYR B 63 -3.48 -35.13 -5.16
N ARG B 64 -4.80 -35.20 -5.14
CA ARG B 64 -5.50 -36.43 -5.47
C ARG B 64 -6.89 -36.03 -5.96
N ILE B 65 -7.25 -36.47 -7.16
CA ILE B 65 -8.50 -36.04 -7.78
C ILE B 65 -9.46 -37.24 -7.70
N HIS B 66 -10.62 -37.01 -7.10
CA HIS B 66 -11.59 -38.03 -6.79
C HIS B 66 -12.64 -38.20 -7.88
N SER B 67 -12.99 -37.11 -8.58
CA SER B 67 -14.08 -37.21 -9.56
C SER B 67 -13.93 -36.10 -10.60
N GLY B 68 -14.73 -36.21 -11.66
CA GLY B 68 -14.64 -35.22 -12.71
C GLY B 68 -13.85 -35.65 -13.93
N MET B 69 -13.50 -34.66 -14.75
CA MET B 69 -12.77 -34.87 -16.00
C MET B 69 -11.55 -35.79 -15.85
N VAL B 70 -10.81 -35.63 -14.75
CA VAL B 70 -9.58 -36.37 -14.56
C VAL B 70 -9.62 -37.11 -13.23
N GLY B 71 -10.79 -37.65 -12.83
CA GLY B 71 -10.90 -38.34 -11.57
C GLY B 71 -10.08 -39.63 -11.65
N GLY B 72 -9.35 -39.94 -10.56
CA GLY B 72 -8.40 -41.04 -10.52
C GLY B 72 -6.96 -40.54 -10.56
N ARG B 73 -6.73 -39.32 -11.06
CA ARG B 73 -5.35 -38.79 -11.18
C ARG B 73 -4.82 -38.38 -9.81
N TRP B 74 -3.60 -38.78 -9.47
CA TRP B 74 -2.97 -38.23 -8.29
C TRP B 74 -1.51 -37.93 -8.54
N VAL B 75 -0.92 -37.10 -7.67
CA VAL B 75 0.38 -36.47 -7.95
C VAL B 75 1.07 -36.21 -6.61
N ARG B 76 2.29 -36.70 -6.46
CA ARG B 76 3.06 -36.38 -5.27
C ARG B 76 4.24 -35.46 -5.66
N ASP B 77 4.79 -34.73 -4.69
CA ASP B 77 6.00 -33.92 -4.85
C ASP B 77 5.93 -32.92 -6.01
N GLN B 78 4.76 -32.30 -6.21
CA GLN B 78 4.66 -31.16 -7.14
C GLN B 78 5.25 -29.90 -6.54
N LEU B 79 6.30 -29.39 -7.22
CA LEU B 79 6.89 -28.14 -6.81
C LEU B 79 5.93 -27.01 -7.08
N VAL B 80 5.71 -26.14 -6.08
CA VAL B 80 4.75 -25.04 -6.14
C VAL B 80 5.34 -23.75 -5.56
N HIS B 81 4.72 -22.64 -5.97
CA HIS B 81 4.93 -21.31 -5.40
C HIS B 81 3.74 -21.01 -4.48
N ILE B 82 4.03 -20.99 -3.17
CA ILE B 82 3.03 -20.76 -2.13
C ILE B 82 3.31 -19.41 -1.50
N VAL B 83 2.28 -18.56 -1.50
CA VAL B 83 2.36 -17.23 -0.93
C VAL B 83 1.13 -16.96 -0.04
N ARG B 84 1.43 -16.19 0.98
CA ARG B 84 0.43 -15.52 1.79
C ARG B 84 -0.12 -14.27 1.11
N LEU B 85 -1.46 -14.19 0.93
CA LEU B 85 -2.07 -12.94 0.45
C LEU B 85 -2.63 -12.07 1.55
N SER B 86 -3.08 -12.70 2.64
CA SER B 86 -3.59 -12.11 3.85
C SER B 86 -3.44 -13.14 4.95
N ASP B 87 -3.85 -12.78 6.17
CA ASP B 87 -3.78 -13.73 7.25
C ASP B 87 -4.66 -14.96 6.98
N ASP B 88 -5.76 -14.83 6.23
CA ASP B 88 -6.63 -15.97 5.95
C ASP B 88 -6.50 -16.58 4.55
N VAL B 89 -5.80 -15.88 3.63
CA VAL B 89 -5.82 -16.28 2.23
C VAL B 89 -4.42 -16.63 1.75
N TYR B 90 -4.31 -17.84 1.20
CA TYR B 90 -3.04 -18.32 0.64
C TYR B 90 -3.22 -18.75 -0.81
N LYS B 91 -2.13 -18.66 -1.57
CA LYS B 91 -2.17 -18.94 -3.00
C LYS B 91 -1.05 -19.97 -3.32
N ILE B 92 -1.37 -20.94 -4.21
CA ILE B 92 -0.50 -21.99 -4.66
C ILE B 92 -0.53 -22.07 -6.18
N SER B 93 0.62 -21.87 -6.82
CA SER B 93 0.67 -21.86 -8.27
C SER B 93 1.75 -22.81 -8.80
N TRP B 94 1.51 -23.45 -9.95
CA TRP B 94 2.47 -24.39 -10.48
C TRP B 94 2.25 -24.69 -11.94
N ASP B 95 3.36 -25.23 -12.54
CA ASP B 95 3.40 -25.72 -13.89
C ASP B 95 3.49 -27.24 -13.79
N GLU B 96 2.79 -27.98 -14.65
CA GLU B 96 2.78 -29.43 -14.62
C GLU B 96 3.52 -30.02 -15.80
N PRO B 97 4.00 -31.28 -15.70
CA PRO B 97 4.65 -31.94 -16.84
C PRO B 97 3.75 -32.21 -18.05
N THR B 98 2.42 -32.13 -17.87
CA THR B 98 1.48 -32.21 -18.96
C THR B 98 1.40 -30.94 -19.79
N GLY B 99 1.93 -29.83 -19.26
CA GLY B 99 1.79 -28.50 -19.80
C GLY B 99 0.69 -27.70 -19.11
N THR B 100 -0.10 -28.32 -18.23
CA THR B 100 -1.08 -27.60 -17.48
C THR B 100 -0.46 -26.55 -16.55
N THR B 101 -1.08 -25.35 -16.49
CA THR B 101 -0.71 -24.36 -15.51
C THR B 101 -1.90 -24.12 -14.56
N VAL B 102 -1.63 -23.87 -13.28
CA VAL B 102 -2.67 -23.86 -12.25
C VAL B 102 -2.35 -22.75 -11.24
N SER B 103 -3.40 -22.07 -10.76
CA SER B 103 -3.25 -21.26 -9.58
C SER B 103 -4.53 -21.39 -8.72
N VAL B 104 -4.32 -21.80 -7.48
CA VAL B 104 -5.35 -22.07 -6.47
C VAL B 104 -5.18 -21.05 -5.36
N ALA B 105 -6.31 -20.56 -4.86
CA ALA B 105 -6.31 -19.77 -3.63
C ALA B 105 -7.26 -20.39 -2.62
N VAL B 106 -6.82 -20.30 -1.37
CA VAL B 106 -7.61 -20.81 -0.25
C VAL B 106 -7.87 -19.73 0.78
N ASN B 107 -9.15 -19.55 1.12
CA ASN B 107 -9.51 -18.77 2.29
C ASN B 107 -9.88 -19.75 3.42
N LEU B 108 -8.97 -19.76 4.39
CA LEU B 108 -9.09 -20.76 5.46
C LEU B 108 -10.29 -20.49 6.35
N ALA B 109 -10.55 -19.19 6.57
CA ALA B 109 -11.59 -18.75 7.47
C ALA B 109 -12.95 -19.10 6.88
N GLU B 110 -13.10 -18.78 5.61
CA GLU B 110 -14.42 -18.95 4.95
C GLU B 110 -14.60 -20.38 4.41
N ARG B 111 -13.52 -21.19 4.42
CA ARG B 111 -13.54 -22.58 3.93
C ARG B 111 -13.94 -22.60 2.47
N ARG B 112 -13.41 -21.62 1.73
CA ARG B 112 -13.62 -21.54 0.30
C ARG B 112 -12.28 -21.57 -0.43
N LEU B 113 -12.29 -22.31 -1.54
CA LEU B 113 -11.14 -22.41 -2.44
C LEU B 113 -11.59 -21.91 -3.82
N HIS B 114 -10.64 -21.32 -4.50
CA HIS B 114 -10.82 -20.98 -5.89
C HIS B 114 -9.68 -21.53 -6.72
N GLY B 115 -10.00 -22.20 -7.84
CA GLY B 115 -8.93 -22.67 -8.72
C GLY B 115 -9.11 -22.14 -10.15
N VAL B 116 -7.99 -21.85 -10.83
CA VAL B 116 -7.99 -21.68 -12.28
C VAL B 116 -6.98 -22.71 -12.78
N ILE B 117 -7.40 -23.43 -13.80
CA ILE B 117 -6.64 -24.47 -14.43
C ILE B 117 -6.67 -24.18 -15.93
N PHE B 118 -5.49 -24.07 -16.55
CA PHE B 118 -5.37 -23.88 -17.99
C PHE B 118 -4.85 -25.19 -18.58
N PHE B 119 -5.76 -26.03 -19.10
CA PHE B 119 -5.37 -27.31 -19.67
C PHE B 119 -4.98 -27.16 -21.14
N PRO B 120 -3.83 -27.72 -21.57
CA PRO B 120 -3.59 -27.93 -22.99
C PRO B 120 -4.71 -28.68 -23.70
N GLN B 121 -4.87 -28.36 -25.00
CA GLN B 121 -5.96 -28.87 -25.78
C GLN B 121 -5.95 -30.40 -25.79
N TRP B 122 -4.77 -31.01 -25.79
CA TRP B 122 -4.69 -32.46 -25.86
C TRP B 122 -5.33 -33.13 -24.67
N ILE B 123 -5.30 -32.49 -23.50
CA ILE B 123 -5.98 -33.04 -22.33
C ILE B 123 -7.48 -32.90 -22.50
N ALA B 124 -7.96 -31.75 -23.07
CA ALA B 124 -9.38 -31.58 -23.23
C ALA B 124 -9.92 -32.66 -24.15
N GLN B 125 -9.16 -33.00 -25.20
CA GLN B 125 -9.60 -34.00 -26.18
C GLN B 125 -9.59 -35.43 -25.61
N ASP B 126 -8.64 -35.74 -24.73
CA ASP B 126 -8.55 -37.11 -24.22
C ASP B 126 -8.07 -37.08 -22.78
N PRO B 127 -8.89 -36.60 -21.81
CA PRO B 127 -8.39 -36.37 -20.44
C PRO B 127 -7.87 -37.60 -19.69
N LYS B 128 -8.42 -38.79 -20.05
CA LYS B 128 -8.00 -40.02 -19.40
C LYS B 128 -6.51 -40.30 -19.60
N LYS B 129 -5.88 -39.69 -20.62
CA LYS B 129 -4.46 -39.89 -20.83
C LYS B 129 -3.67 -39.47 -19.58
N THR B 130 -4.21 -38.57 -18.76
CA THR B 130 -3.54 -38.00 -17.59
C THR B 130 -3.91 -38.71 -16.30
N VAL B 131 -4.86 -39.67 -16.39
CA VAL B 131 -5.40 -40.34 -15.22
C VAL B 131 -4.47 -41.51 -14.86
N CYS B 132 -3.63 -41.26 -13.85
CA CYS B 132 -2.62 -42.18 -13.39
C CYS B 132 -1.96 -41.61 -12.13
N PHE B 133 -1.11 -42.40 -11.49
CA PHE B 133 -0.18 -41.87 -10.54
C PHE B 133 0.93 -41.19 -11.33
N GLN B 134 0.86 -39.90 -11.50
CA GLN B 134 1.73 -39.25 -12.48
C GLN B 134 3.20 -39.58 -12.28
N ASN B 135 3.64 -39.76 -11.04
CA ASN B 135 5.08 -39.82 -10.72
C ASN B 135 5.75 -41.04 -11.38
N ASP B 136 4.92 -42.04 -11.74
CA ASP B 136 5.36 -43.22 -12.41
C ASP B 136 5.22 -43.12 -13.93
N HIS B 137 4.73 -41.99 -14.46
CA HIS B 137 4.47 -41.84 -15.87
C HIS B 137 4.91 -40.47 -16.35
N LEU B 138 6.01 -39.95 -15.82
CA LEU B 138 6.45 -38.60 -16.13
C LEU B 138 6.82 -38.41 -17.60
N ASP B 139 7.60 -39.32 -18.16
CA ASP B 139 8.02 -39.17 -19.54
C ASP B 139 6.82 -39.38 -20.43
N GLU B 140 5.82 -40.18 -20.05
CA GLU B 140 4.62 -40.32 -20.88
C GLU B 140 3.88 -38.97 -20.96
N MET B 141 3.76 -38.32 -19.81
CA MET B 141 3.10 -37.03 -19.73
C MET B 141 3.82 -36.05 -20.65
N ARG B 142 5.15 -36.04 -20.58
CA ARG B 142 5.94 -35.08 -21.34
C ARG B 142 5.86 -35.40 -22.83
N ALA B 143 5.73 -36.67 -23.21
CA ALA B 143 5.53 -37.05 -24.61
C ALA B 143 4.24 -36.45 -25.13
N TYR B 144 3.15 -36.59 -24.36
CA TYR B 144 1.85 -36.08 -24.78
C TYR B 144 1.94 -34.57 -24.85
N ARG B 145 2.62 -33.98 -23.88
CA ARG B 145 2.76 -32.52 -23.88
C ARG B 145 3.51 -32.07 -25.14
N ASP B 146 4.60 -32.77 -25.50
CA ASP B 146 5.48 -32.34 -26.60
C ASP B 146 4.81 -32.60 -27.93
N ALA B 147 3.87 -33.56 -27.97
CA ALA B 147 3.17 -33.85 -29.22
C ALA B 147 2.06 -32.85 -29.43
N GLY B 148 1.41 -32.42 -28.35
CA GLY B 148 0.26 -31.52 -28.41
C GLY B 148 -0.98 -32.20 -28.98
N PRO B 149 -1.99 -31.44 -29.44
CA PRO B 149 -1.93 -29.98 -29.48
C PRO B 149 -2.01 -29.27 -28.13
N THR B 150 -1.52 -28.02 -28.14
CA THR B 150 -1.49 -27.17 -26.96
C THR B 150 -2.70 -26.26 -26.86
N TYR B 151 -3.07 -25.64 -28.00
CA TYR B 151 -4.05 -24.56 -28.01
C TYR B 151 -5.28 -24.99 -28.80
N PRO B 152 -6.47 -24.47 -28.48
CA PRO B 152 -6.70 -23.52 -27.39
C PRO B 152 -6.67 -24.20 -26.02
N LYS B 153 -6.39 -23.43 -24.98
CA LYS B 153 -6.50 -24.00 -23.66
C LYS B 153 -7.96 -24.17 -23.30
N LEU B 154 -8.26 -25.22 -22.56
CA LEU B 154 -9.52 -25.33 -21.84
C LEU B 154 -9.28 -24.72 -20.48
N VAL B 155 -10.02 -23.65 -20.19
CA VAL B 155 -9.82 -22.94 -18.95
C VAL B 155 -10.97 -23.24 -18.01
N ILE B 156 -10.64 -23.80 -16.86
CA ILE B 156 -11.60 -24.07 -15.81
C ILE B 156 -11.29 -23.10 -14.66
N ASP B 157 -12.23 -22.22 -14.34
CA ASP B 157 -12.16 -21.28 -13.25
C ASP B 157 -13.39 -21.44 -12.37
N GLU B 158 -13.20 -21.94 -11.15
CA GLU B 158 -14.29 -22.35 -10.31
C GLU B 158 -13.99 -22.17 -8.83
N PHE B 159 -15.02 -21.79 -8.08
CA PHE B 159 -15.04 -21.87 -6.64
C PHE B 159 -15.24 -23.32 -6.20
N ALA B 160 -14.82 -23.60 -4.97
CA ALA B 160 -15.04 -24.87 -4.31
C ALA B 160 -15.34 -24.69 -2.83
N THR B 161 -16.23 -25.59 -2.35
CA THR B 161 -16.45 -25.74 -0.93
C THR B 161 -15.41 -26.65 -0.30
N ILE B 162 -14.70 -26.19 0.72
CA ILE B 162 -13.78 -27.09 1.47
C ILE B 162 -14.65 -27.82 2.48
N THR B 163 -14.85 -29.10 2.24
CA THR B 163 -15.73 -29.94 3.03
C THR B 163 -15.02 -30.53 4.24
N PHE B 164 -13.73 -30.80 4.13
CA PHE B 164 -12.92 -31.38 5.22
C PHE B 164 -11.55 -30.68 5.19
N MET B 165 -11.05 -30.27 6.33
CA MET B 165 -9.74 -29.68 6.47
C MET B 165 -9.15 -30.16 7.80
N GLU B 166 -7.89 -30.65 7.73
CA GLU B 166 -7.15 -31.02 8.95
C GLU B 166 -5.70 -30.56 8.81
N ASP B 167 -5.02 -30.50 9.96
CA ASP B 167 -3.60 -30.14 9.98
C ASP B 167 -2.79 -31.43 10.18
N CYS B 168 -1.92 -31.72 9.23
CA CYS B 168 -1.13 -32.92 9.18
C CYS B 168 0.33 -32.62 9.55
N GLY B 169 0.73 -31.35 9.72
CA GLY B 169 2.15 -31.06 9.86
C GLY B 169 2.82 -31.19 8.50
N ALA B 170 4.08 -30.74 8.43
CA ALA B 170 4.93 -30.86 7.26
C ALA B 170 5.51 -32.26 7.05
N ASP B 171 5.73 -32.58 5.78
CA ASP B 171 6.50 -33.73 5.33
C ASP B 171 5.96 -35.05 5.85
N ASP B 172 4.64 -35.19 6.00
CA ASP B 172 4.06 -36.50 6.25
C ASP B 172 3.83 -37.20 4.93
N GLU B 173 4.59 -38.26 4.66
CA GLU B 173 4.56 -38.84 3.33
C GLU B 173 3.38 -39.82 3.16
N THR B 174 2.54 -39.96 4.18
CA THR B 174 1.48 -40.94 4.19
C THR B 174 0.11 -40.35 3.95
N VAL B 175 0.06 -39.00 3.84
CA VAL B 175 -1.22 -38.32 3.66
C VAL B 175 -1.84 -38.70 2.32
N ILE B 176 -1.05 -38.56 1.26
CA ILE B 176 -1.51 -38.85 -0.08
C ILE B 176 -0.54 -39.89 -0.68
N ALA B 177 -0.93 -41.16 -0.52
CA ALA B 177 0.01 -42.23 -0.78
C ALA B 177 -0.69 -43.44 -1.41
N CYS B 178 -1.87 -43.25 -1.97
CA CYS B 178 -2.53 -44.25 -2.76
C CYS B 178 -3.51 -43.62 -3.72
N ALA B 179 -3.91 -44.39 -4.74
CA ALA B 179 -4.93 -43.94 -5.69
C ALA B 179 -6.24 -43.78 -4.94
N PRO B 180 -7.14 -42.87 -5.41
CA PRO B 180 -8.42 -42.71 -4.76
C PRO B 180 -9.32 -43.96 -4.70
N SER B 181 -9.10 -44.92 -5.62
CA SER B 181 -9.83 -46.19 -5.62
C SER B 181 -9.42 -47.11 -4.47
N GLU B 182 -8.22 -46.84 -3.89
CA GLU B 182 -7.73 -47.70 -2.82
C GLU B 182 -8.08 -47.19 -1.43
N LEU B 183 -8.76 -46.06 -1.31
CA LEU B 183 -8.99 -45.47 0.00
C LEU B 183 -10.12 -46.20 0.71
N PRO B 184 -10.15 -46.12 2.05
CA PRO B 184 -11.23 -46.71 2.81
C PRO B 184 -12.55 -46.09 2.40
N ALA B 185 -13.61 -46.87 2.59
CA ALA B 185 -14.97 -46.39 2.55
C ALA B 185 -15.14 -45.06 3.30
N GLY B 186 -15.74 -44.09 2.61
CA GLY B 186 -16.18 -42.88 3.25
C GLY B 186 -15.09 -41.79 3.32
N TYR B 187 -13.88 -42.07 2.84
CA TYR B 187 -12.75 -41.18 3.07
C TYR B 187 -13.05 -39.75 2.63
N ALA B 188 -13.47 -39.62 1.36
CA ALA B 188 -13.59 -38.32 0.74
C ALA B 188 -14.89 -37.65 1.15
N ALA B 189 -15.80 -38.39 1.80
CA ALA B 189 -17.11 -37.88 2.21
C ALA B 189 -17.05 -37.35 3.63
N ARG B 190 -15.93 -37.48 4.35
CA ARG B 190 -15.87 -36.96 5.71
C ARG B 190 -16.04 -35.44 5.67
N ARG B 191 -16.70 -34.90 6.74
CA ARG B 191 -17.36 -33.60 6.86
C ARG B 191 -17.90 -33.12 5.51
N ALA C 24 -18.31 -21.03 -19.05
CA ALA C 24 -16.86 -20.72 -18.99
C ALA C 24 -16.63 -19.56 -18.05
N PHE C 25 -17.64 -18.67 -17.92
CA PHE C 25 -17.56 -17.56 -16.98
C PHE C 25 -18.53 -17.72 -15.82
N GLU C 26 -18.95 -18.97 -15.56
CA GLU C 26 -19.86 -19.27 -14.47
C GLU C 26 -19.38 -18.75 -13.11
N SER C 27 -18.06 -18.69 -12.87
CA SER C 27 -17.53 -18.23 -11.58
C SER C 27 -17.60 -16.72 -11.40
N THR C 28 -18.00 -15.99 -12.45
CA THR C 28 -18.10 -14.53 -12.38
C THR C 28 -19.37 -14.17 -11.63
N ARG C 29 -19.19 -13.47 -10.51
CA ARG C 29 -20.26 -13.12 -9.58
C ARG C 29 -20.22 -11.63 -9.33
N PRO C 30 -20.93 -10.82 -10.12
CA PRO C 30 -20.82 -9.37 -9.95
C PRO C 30 -21.12 -8.83 -8.54
N GLU C 31 -22.06 -9.42 -7.83
CA GLU C 31 -22.40 -9.02 -6.48
C GLU C 31 -21.23 -9.12 -5.51
N GLU C 32 -20.30 -10.09 -5.79
CA GLU C 32 -19.20 -10.33 -4.89
C GLU C 32 -18.03 -9.37 -5.24
N LEU C 33 -18.16 -8.60 -6.32
CA LEU C 33 -17.03 -7.84 -6.87
C LEU C 33 -17.22 -6.33 -6.76
N THR C 34 -18.23 -5.90 -6.01
CA THR C 34 -18.56 -4.47 -6.00
C THR C 34 -17.42 -3.60 -5.44
N GLY C 35 -16.58 -4.14 -4.56
CA GLY C 35 -15.45 -3.34 -4.04
C GLY C 35 -14.24 -3.28 -4.97
N PHE C 36 -14.34 -3.94 -6.15
CA PHE C 36 -13.12 -4.21 -6.90
C PHE C 36 -13.23 -3.70 -8.32
N VAL C 37 -14.33 -4.05 -9.00
CA VAL C 37 -14.56 -3.55 -10.32
C VAL C 37 -14.45 -2.03 -10.30
N GLY C 38 -13.80 -1.51 -11.32
CA GLY C 38 -13.58 -0.08 -11.47
C GLY C 38 -12.18 0.34 -10.93
N LYS C 39 -11.46 -0.55 -10.24
CA LYS C 39 -10.17 -0.16 -9.66
C LYS C 39 -9.12 -0.01 -10.77
N HIS C 40 -8.24 0.95 -10.58
CA HIS C 40 -7.17 1.27 -11.49
C HIS C 40 -5.94 1.39 -10.63
N LEU C 41 -4.98 0.49 -10.89
CA LEU C 41 -3.84 0.23 -10.08
C LEU C 41 -2.58 0.45 -10.87
N ILE C 42 -1.55 1.04 -10.20
CA ILE C 42 -0.21 1.02 -10.70
C ILE C 42 0.64 0.32 -9.63
N TYR C 43 1.54 -0.61 -10.06
CA TYR C 43 2.25 -1.45 -9.08
C TYR C 43 3.62 -1.85 -9.62
N THR C 44 4.57 -2.01 -8.70
CA THR C 44 5.90 -2.46 -9.04
C THR C 44 6.24 -3.77 -8.33
N TYR C 45 6.53 -4.79 -9.14
CA TYR C 45 6.97 -6.09 -8.64
C TYR C 45 8.32 -5.95 -7.97
N ASP C 46 8.61 -6.90 -7.07
CA ASP C 46 9.84 -6.93 -6.33
C ASP C 46 11.08 -7.02 -7.25
N ASN C 47 10.91 -7.50 -8.49
CA ASN C 47 12.00 -7.54 -9.47
C ASN C 47 12.18 -6.21 -10.23
N GLY C 48 11.39 -5.19 -9.85
CA GLY C 48 11.47 -3.87 -10.43
C GLY C 48 10.52 -3.60 -11.61
N TRP C 49 9.83 -4.64 -12.12
CA TRP C 49 8.94 -4.44 -13.26
C TRP C 49 7.69 -3.68 -12.83
N GLN C 50 7.32 -2.61 -13.55
CA GLN C 50 6.20 -1.74 -13.22
C GLN C 50 5.03 -1.96 -14.20
N TYR C 51 3.88 -2.33 -13.63
CA TYR C 51 2.66 -2.67 -14.36
C TYR C 51 1.49 -1.77 -13.95
N GLU C 52 0.47 -1.72 -14.79
CA GLU C 52 -0.75 -0.95 -14.54
C GLU C 52 -1.96 -1.76 -15.04
N MET C 53 -3.03 -1.81 -14.27
CA MET C 53 -4.26 -2.55 -14.62
C MET C 53 -5.50 -1.69 -14.33
N TYR C 54 -6.51 -1.75 -15.22
CA TYR C 54 -7.79 -1.19 -14.96
C TYR C 54 -8.83 -2.32 -15.04
N VAL C 55 -9.61 -2.48 -13.97
CA VAL C 55 -10.58 -3.53 -13.86
C VAL C 55 -11.87 -2.94 -14.42
N LYS C 56 -12.00 -3.01 -15.73
CA LYS C 56 -12.98 -2.20 -16.47
C LYS C 56 -14.42 -2.70 -16.31
N ASN C 57 -14.62 -4.00 -16.13
CA ASN C 57 -15.91 -4.54 -15.71
C ASN C 57 -15.67 -5.93 -15.12
N GLU C 58 -16.75 -6.65 -14.83
CA GLU C 58 -16.67 -7.91 -14.13
C GLU C 58 -15.87 -8.97 -14.87
N ARG C 59 -15.62 -8.78 -16.17
CA ARG C 59 -14.97 -9.81 -16.93
C ARG C 59 -13.87 -9.22 -17.81
N THR C 60 -13.50 -7.96 -17.64
CA THR C 60 -12.58 -7.37 -18.59
C THR C 60 -11.54 -6.55 -17.83
N ILE C 61 -10.29 -6.58 -18.28
CA ILE C 61 -9.25 -5.62 -17.84
C ILE C 61 -8.59 -5.01 -19.07
N ASP C 62 -8.08 -3.83 -18.86
CA ASP C 62 -7.07 -3.22 -19.72
C ASP C 62 -5.79 -3.16 -18.91
N TYR C 63 -4.61 -3.36 -19.54
CA TYR C 63 -3.39 -3.25 -18.80
C TYR C 63 -2.32 -2.59 -19.64
N ARG C 64 -1.27 -2.18 -18.94
CA ARG C 64 -0.20 -1.41 -19.56
C ARG C 64 1.08 -1.74 -18.81
N ILE C 65 2.13 -2.16 -19.55
CA ILE C 65 3.36 -2.52 -18.88
C ILE C 65 4.37 -1.41 -19.13
N HIS C 66 4.97 -0.90 -18.07
CA HIS C 66 5.78 0.28 -18.09
C HIS C 66 7.26 -0.03 -18.13
N SER C 67 7.70 -1.17 -17.55
CA SER C 67 9.10 -1.51 -17.52
C SER C 67 9.28 -3.02 -17.35
N GLY C 68 10.52 -3.48 -17.51
CA GLY C 68 10.82 -4.91 -17.36
C GLY C 68 10.96 -5.60 -18.71
N MET C 69 10.92 -6.93 -18.66
CA MET C 69 11.11 -7.78 -19.82
C MET C 69 10.19 -7.41 -21.00
N VAL C 70 8.93 -6.97 -20.71
CA VAL C 70 8.02 -6.68 -21.79
C VAL C 70 7.44 -5.27 -21.59
N GLY C 71 8.27 -4.34 -21.09
CA GLY C 71 7.91 -2.94 -21.00
C GLY C 71 7.56 -2.40 -22.39
N GLY C 72 6.48 -1.60 -22.45
CA GLY C 72 5.99 -1.07 -23.71
C GLY C 72 4.71 -1.79 -24.17
N ARG C 73 4.46 -2.98 -23.69
CA ARG C 73 3.29 -3.77 -24.12
C ARG C 73 2.04 -3.23 -23.45
N TRP C 74 0.94 -3.10 -24.22
CA TRP C 74 -0.31 -2.82 -23.57
C TRP C 74 -1.45 -3.52 -24.32
N VAL C 75 -2.54 -3.71 -23.60
CA VAL C 75 -3.63 -4.62 -23.96
C VAL C 75 -4.94 -4.01 -23.47
N ARG C 76 -5.94 -3.91 -24.39
CA ARG C 76 -7.27 -3.53 -23.95
C ARG C 76 -8.24 -4.70 -24.19
N ASP C 77 -9.33 -4.75 -23.41
CA ASP C 77 -10.41 -5.69 -23.56
C ASP C 77 -9.98 -7.14 -23.40
N GLN C 78 -9.03 -7.40 -22.48
CA GLN C 78 -8.71 -8.78 -22.11
C GLN C 78 -9.79 -9.39 -21.23
N LEU C 79 -10.39 -10.47 -21.72
CA LEU C 79 -11.38 -11.19 -20.96
C LEU C 79 -10.67 -11.89 -19.80
N VAL C 80 -11.24 -11.80 -18.60
CA VAL C 80 -10.64 -12.34 -17.39
C VAL C 80 -11.69 -13.00 -16.50
N HIS C 81 -11.16 -13.84 -15.59
CA HIS C 81 -11.90 -14.43 -14.50
C HIS C 81 -11.54 -13.68 -13.22
N ILE C 82 -12.49 -12.91 -12.68
CA ILE C 82 -12.33 -12.11 -11.50
C ILE C 82 -13.21 -12.66 -10.38
N VAL C 83 -12.54 -13.00 -9.25
CA VAL C 83 -13.14 -13.63 -8.11
C VAL C 83 -12.70 -12.96 -6.82
N ARG C 84 -13.72 -12.80 -5.94
CA ARG C 84 -13.42 -12.45 -4.55
C ARG C 84 -12.81 -13.60 -3.73
N LEU C 85 -11.68 -13.35 -3.06
CA LEU C 85 -11.16 -14.36 -2.13
C LEU C 85 -11.47 -14.06 -0.65
N SER C 86 -11.59 -12.76 -0.33
CA SER C 86 -11.98 -12.25 0.97
C SER C 86 -12.53 -10.83 0.76
N ASP C 87 -12.92 -10.20 1.87
CA ASP C 87 -13.40 -8.83 1.75
C ASP C 87 -12.34 -7.91 1.12
N ASP C 88 -11.03 -8.20 1.36
CA ASP C 88 -9.94 -7.35 0.91
C ASP C 88 -9.14 -7.90 -0.29
N VAL C 89 -9.28 -9.17 -0.60
CA VAL C 89 -8.41 -9.83 -1.56
C VAL C 89 -9.24 -10.32 -2.76
N TYR C 90 -8.75 -10.00 -3.97
CA TYR C 90 -9.42 -10.37 -5.21
C TYR C 90 -8.40 -10.99 -6.15
N LYS C 91 -8.88 -11.83 -7.04
CA LYS C 91 -8.04 -12.58 -7.96
C LYS C 91 -8.53 -12.38 -9.40
N ILE C 92 -7.57 -12.27 -10.35
CA ILE C 92 -7.82 -12.06 -11.75
C ILE C 92 -6.93 -13.03 -12.52
N SER C 93 -7.56 -13.90 -13.32
CA SER C 93 -6.84 -14.88 -14.10
C SER C 93 -7.21 -14.82 -15.56
N TRP C 94 -6.25 -15.10 -16.45
CA TRP C 94 -6.55 -15.06 -17.88
C TRP C 94 -5.52 -15.78 -18.72
N ASP C 95 -5.96 -16.06 -19.95
CA ASP C 95 -5.22 -16.68 -21.02
C ASP C 95 -4.97 -15.61 -22.07
N GLU C 96 -3.76 -15.50 -22.61
CA GLU C 96 -3.40 -14.52 -23.58
C GLU C 96 -3.24 -15.17 -24.96
N PRO C 97 -3.43 -14.37 -26.04
CA PRO C 97 -3.16 -14.85 -27.40
C PRO C 97 -1.73 -15.28 -27.72
N THR C 98 -0.76 -14.87 -26.91
CA THR C 98 0.63 -15.26 -27.02
C THR C 98 0.86 -16.67 -26.45
N GLY C 99 -0.12 -17.20 -25.68
CA GLY C 99 0.03 -18.45 -24.97
C GLY C 99 0.35 -18.24 -23.49
N THR C 100 0.59 -17.00 -23.06
CA THR C 100 0.84 -16.76 -21.67
C THR C 100 -0.40 -16.95 -20.82
N THR C 101 -0.23 -17.57 -19.63
CA THR C 101 -1.31 -17.68 -18.67
C THR C 101 -0.90 -16.94 -17.39
N VAL C 102 -1.88 -16.30 -16.73
CA VAL C 102 -1.61 -15.32 -15.70
C VAL C 102 -2.62 -15.50 -14.58
N SER C 103 -2.18 -15.39 -13.32
CA SER C 103 -3.10 -15.20 -12.22
C SER C 103 -2.47 -14.19 -11.24
N VAL C 104 -3.18 -13.10 -11.00
CA VAL C 104 -2.84 -12.00 -10.12
C VAL C 104 -3.85 -11.94 -8.97
N ALA C 105 -3.34 -11.55 -7.81
CA ALA C 105 -4.18 -11.42 -6.62
C ALA C 105 -3.83 -10.07 -6.01
N VAL C 106 -4.86 -9.31 -5.60
CA VAL C 106 -4.73 -7.99 -5.04
C VAL C 106 -5.30 -7.97 -3.63
N ASN C 107 -4.49 -7.46 -2.70
CA ASN C 107 -4.91 -7.19 -1.35
C ASN C 107 -5.07 -5.67 -1.25
N LEU C 108 -6.31 -5.26 -1.24
CA LEU C 108 -6.63 -3.83 -1.28
C LEU C 108 -6.21 -3.17 0.04
N ALA C 109 -6.34 -3.89 1.15
CA ALA C 109 -6.07 -3.33 2.47
C ALA C 109 -4.57 -3.11 2.67
N GLU C 110 -3.80 -4.09 2.26
CA GLU C 110 -2.36 -4.06 2.42
C GLU C 110 -1.69 -3.34 1.25
N ARG C 111 -2.42 -3.03 0.18
CA ARG C 111 -1.89 -2.37 -1.01
C ARG C 111 -0.72 -3.18 -1.58
N ARG C 112 -0.93 -4.48 -1.63
CA ARG C 112 0.00 -5.42 -2.18
C ARG C 112 -0.71 -6.26 -3.24
N LEU C 113 0.09 -6.71 -4.21
CA LEU C 113 -0.33 -7.58 -5.29
C LEU C 113 0.63 -8.77 -5.35
N HIS C 114 0.09 -9.93 -5.75
CA HIS C 114 0.96 -11.03 -6.12
C HIS C 114 0.63 -11.53 -7.50
N GLY C 115 1.60 -11.72 -8.38
CA GLY C 115 1.36 -12.27 -9.68
C GLY C 115 2.16 -13.55 -9.97
N VAL C 116 1.53 -14.48 -10.70
CA VAL C 116 2.23 -15.58 -11.31
C VAL C 116 1.94 -15.47 -12.81
N ILE C 117 3.03 -15.57 -13.58
CA ILE C 117 3.01 -15.45 -15.02
C ILE C 117 3.74 -16.67 -15.57
N PHE C 118 3.08 -17.43 -16.43
CA PHE C 118 3.68 -18.57 -17.11
C PHE C 118 3.90 -18.22 -18.58
N PHE C 119 5.12 -17.75 -18.92
CA PHE C 119 5.42 -17.37 -20.28
C PHE C 119 5.89 -18.58 -21.11
N PRO C 120 5.31 -18.82 -22.31
CA PRO C 120 5.93 -19.69 -23.31
C PRO C 120 7.41 -19.35 -23.57
N GLN C 121 8.18 -20.38 -23.88
CA GLN C 121 9.60 -20.26 -24.07
C GLN C 121 9.94 -19.24 -25.15
N TRP C 122 9.15 -19.16 -26.21
CA TRP C 122 9.44 -18.21 -27.29
C TRP C 122 9.44 -16.75 -26.81
N ILE C 123 8.59 -16.42 -25.82
CA ILE C 123 8.63 -15.08 -25.27
C ILE C 123 9.90 -14.89 -24.45
N ALA C 124 10.29 -15.92 -23.66
CA ALA C 124 11.49 -15.80 -22.84
C ALA C 124 12.71 -15.53 -23.71
N GLN C 125 12.75 -16.17 -24.88
CA GLN C 125 13.86 -16.01 -25.81
C GLN C 125 13.85 -14.68 -26.55
N ASP C 126 12.65 -14.15 -26.88
CA ASP C 126 12.60 -12.89 -27.63
C ASP C 126 11.41 -12.06 -27.15
N PRO C 127 11.48 -11.50 -25.92
CA PRO C 127 10.31 -10.84 -25.33
C PRO C 127 9.77 -9.62 -26.09
N LYS C 128 10.66 -8.92 -26.79
CA LYS C 128 10.28 -7.78 -27.61
C LYS C 128 9.23 -8.14 -28.67
N LYS C 129 9.15 -9.41 -29.09
CA LYS C 129 8.13 -9.80 -30.04
C LYS C 129 6.72 -9.47 -29.55
N THR C 130 6.52 -9.42 -28.22
CA THR C 130 5.21 -9.17 -27.64
C THR C 130 4.97 -7.71 -27.27
N VAL C 131 5.98 -6.85 -27.48
CA VAL C 131 5.91 -5.45 -27.08
C VAL C 131 5.26 -4.65 -28.22
N CYS C 132 3.98 -4.38 -28.03
CA CYS C 132 3.14 -3.69 -28.98
C CYS C 132 1.76 -3.40 -28.34
N PHE C 133 0.94 -2.60 -29.03
CA PHE C 133 -0.47 -2.57 -28.70
C PHE C 133 -1.09 -3.86 -29.24
N GLN C 134 -1.23 -4.84 -28.40
CA GLN C 134 -1.57 -6.20 -28.85
C GLN C 134 -2.82 -6.24 -29.73
N ASN C 135 -3.80 -5.37 -29.49
CA ASN C 135 -5.10 -5.50 -30.12
C ASN C 135 -4.97 -5.32 -31.64
N ASP C 136 -3.89 -4.65 -32.09
CA ASP C 136 -3.67 -4.37 -33.50
C ASP C 136 -2.71 -5.41 -34.12
N HIS C 137 -2.32 -6.42 -33.35
CA HIS C 137 -1.35 -7.42 -33.75
C HIS C 137 -1.78 -8.82 -33.34
N LEU C 138 -3.09 -9.10 -33.32
CA LEU C 138 -3.56 -10.37 -32.78
C LEU C 138 -3.09 -11.58 -33.61
N ASP C 139 -3.18 -11.46 -34.94
CA ASP C 139 -2.78 -12.55 -35.82
C ASP C 139 -1.29 -12.82 -35.62
N GLU C 140 -0.50 -11.75 -35.47
CA GLU C 140 0.94 -11.91 -35.29
C GLU C 140 1.25 -12.66 -34.00
N MET C 141 0.55 -12.30 -32.92
CA MET C 141 0.81 -12.95 -31.65
C MET C 141 0.47 -14.44 -31.79
N ARG C 142 -0.65 -14.76 -32.47
CA ARG C 142 -1.05 -16.15 -32.60
C ARG C 142 -0.05 -16.94 -33.46
N ALA C 143 0.54 -16.28 -34.47
CA ALA C 143 1.56 -16.92 -35.30
C ALA C 143 2.78 -17.28 -34.46
N TYR C 144 3.23 -16.32 -33.65
CA TYR C 144 4.40 -16.56 -32.81
C TYR C 144 4.08 -17.69 -31.83
N ARG C 145 2.86 -17.65 -31.29
CA ARG C 145 2.44 -18.65 -30.33
C ARG C 145 2.53 -20.04 -30.98
N ASP C 146 2.06 -20.13 -32.21
CA ASP C 146 1.87 -21.41 -32.87
C ASP C 146 3.22 -21.96 -33.34
N ALA C 147 4.17 -21.07 -33.62
CA ALA C 147 5.49 -21.49 -34.04
C ALA C 147 6.30 -22.04 -32.86
N GLY C 148 6.10 -21.43 -31.68
CA GLY C 148 6.81 -21.88 -30.50
C GLY C 148 8.30 -21.48 -30.51
N PRO C 149 9.15 -22.05 -29.64
CA PRO C 149 8.75 -23.11 -28.69
C PRO C 149 7.83 -22.62 -27.57
N THR C 150 7.07 -23.58 -27.02
CA THR C 150 6.22 -23.33 -25.87
C THR C 150 6.93 -23.60 -24.53
N TYR C 151 7.69 -24.69 -24.48
CA TYR C 151 8.24 -25.22 -23.24
C TYR C 151 9.76 -25.12 -23.25
N PRO C 152 10.43 -24.98 -22.09
CA PRO C 152 9.78 -24.86 -20.79
C PRO C 152 9.17 -23.48 -20.57
N LYS C 153 8.17 -23.38 -19.68
CA LYS C 153 7.65 -22.06 -19.34
C LYS C 153 8.67 -21.33 -18.50
N LEU C 154 8.78 -20.03 -18.73
CA LEU C 154 9.44 -19.12 -17.79
C LEU C 154 8.37 -18.68 -16.80
N VAL C 155 8.55 -19.06 -15.55
CA VAL C 155 7.55 -18.78 -14.54
C VAL C 155 8.09 -17.68 -13.64
N ILE C 156 7.36 -16.56 -13.59
CA ILE C 156 7.65 -15.44 -12.72
C ILE C 156 6.55 -15.40 -11.65
N ASP C 157 6.96 -15.56 -10.39
CA ASP C 157 6.10 -15.49 -9.23
C ASP C 157 6.67 -14.47 -8.27
N GLU C 158 5.93 -13.34 -8.09
CA GLU C 158 6.49 -12.19 -7.41
C GLU C 158 5.39 -11.36 -6.75
N PHE C 159 5.71 -10.85 -5.55
CA PHE C 159 4.97 -9.80 -4.91
C PHE C 159 5.23 -8.44 -5.55
N ALA C 160 4.26 -7.53 -5.37
CA ALA C 160 4.40 -6.14 -5.81
C ALA C 160 3.79 -5.20 -4.77
N THR C 161 4.31 -3.98 -4.74
CA THR C 161 3.67 -2.90 -4.02
C THR C 161 2.75 -2.13 -4.97
N ILE C 162 1.54 -1.87 -4.50
CA ILE C 162 0.63 -1.01 -5.24
C ILE C 162 0.92 0.44 -4.82
N THR C 163 1.40 1.20 -5.80
CA THR C 163 1.85 2.55 -5.55
C THR C 163 0.73 3.58 -5.75
N PHE C 164 -0.20 3.29 -6.64
CA PHE C 164 -1.32 4.18 -6.98
C PHE C 164 -2.57 3.32 -7.15
N MET C 165 -3.66 3.72 -6.50
CA MET C 165 -4.94 3.01 -6.66
C MET C 165 -6.06 4.05 -6.62
N GLU C 166 -6.95 4.00 -7.63
CA GLU C 166 -8.08 4.89 -7.70
C GLU C 166 -9.28 4.08 -8.21
N ASP C 167 -10.45 4.69 -8.02
CA ASP C 167 -11.70 4.10 -8.50
C ASP C 167 -12.16 4.91 -9.71
N CYS C 168 -12.25 4.24 -10.84
CA CYS C 168 -12.58 4.83 -12.11
C CYS C 168 -14.01 4.47 -12.52
N GLY C 169 -14.71 3.63 -11.78
CA GLY C 169 -16.01 3.11 -12.25
C GLY C 169 -15.77 2.18 -13.42
N ALA C 170 -16.83 1.53 -13.85
CA ALA C 170 -16.84 0.60 -14.94
C ALA C 170 -16.86 1.26 -16.33
N ASP C 171 -16.25 0.56 -17.29
CA ASP C 171 -16.41 0.85 -18.72
C ASP C 171 -15.97 2.26 -19.11
N ASP C 172 -14.94 2.79 -18.43
CA ASP C 172 -14.33 4.04 -18.87
C ASP C 172 -13.27 3.69 -19.90
N GLU C 173 -13.52 4.04 -21.17
CA GLU C 173 -12.61 3.59 -22.22
C GLU C 173 -11.39 4.49 -22.34
N THR C 174 -11.24 5.48 -21.47
CA THR C 174 -10.15 6.45 -21.58
C THR C 174 -9.04 6.20 -20.59
N VAL C 175 -9.26 5.28 -19.64
CA VAL C 175 -8.26 5.05 -18.58
C VAL C 175 -6.98 4.49 -19.22
N ILE C 176 -7.15 3.45 -20.05
CA ILE C 176 -5.98 2.86 -20.70
C ILE C 176 -6.18 2.91 -22.21
N ALA C 177 -5.66 3.98 -22.82
CA ALA C 177 -6.00 4.27 -24.21
C ALA C 177 -4.79 4.76 -24.99
N CYS C 178 -3.61 4.69 -24.39
CA CYS C 178 -2.39 4.97 -25.13
C CYS C 178 -1.22 4.13 -24.64
N ALA C 179 -0.16 4.11 -25.42
CA ALA C 179 1.06 3.39 -25.10
C ALA C 179 1.70 4.02 -23.89
N PRO C 180 2.46 3.25 -23.10
CA PRO C 180 3.15 3.80 -21.95
C PRO C 180 4.18 4.88 -22.26
N SER C 181 4.69 4.93 -23.50
CA SER C 181 5.58 6.00 -23.95
C SER C 181 4.83 7.28 -24.27
N GLU C 182 3.49 7.24 -24.34
CA GLU C 182 2.69 8.41 -24.78
C GLU C 182 1.99 9.10 -23.62
N LEU C 183 2.41 8.87 -22.38
CA LEU C 183 1.70 9.37 -21.22
C LEU C 183 2.35 10.68 -20.79
N PRO C 184 1.67 11.51 -19.97
CA PRO C 184 2.27 12.71 -19.41
C PRO C 184 3.50 12.37 -18.61
N ALA C 185 4.43 13.33 -18.56
CA ALA C 185 5.58 13.19 -17.67
C ALA C 185 5.14 12.87 -16.25
N GLY C 186 5.75 11.84 -15.70
CA GLY C 186 5.49 11.49 -14.32
C GLY C 186 4.31 10.53 -14.11
N TYR C 187 3.52 10.21 -15.15
CA TYR C 187 2.25 9.52 -14.95
C TYR C 187 2.39 8.27 -14.10
N ALA C 188 3.29 7.37 -14.48
CA ALA C 188 3.35 6.07 -13.82
C ALA C 188 4.06 6.15 -12.47
N ALA C 189 4.72 7.28 -12.17
CA ALA C 189 5.38 7.47 -10.88
C ALA C 189 4.41 8.10 -9.86
N ARG C 190 3.19 8.49 -10.24
CA ARG C 190 2.27 9.06 -9.30
C ARG C 190 1.91 8.05 -8.24
N ARG C 191 1.68 8.57 -7.04
CA ARG C 191 1.27 7.75 -5.92
C ARG C 191 0.07 8.37 -5.24
N ASN C 192 -0.61 7.51 -4.48
CA ASN C 192 -1.46 7.94 -3.43
C ASN C 192 -1.36 6.94 -2.25
N ALA D 24 -7.99 5.29 12.39
CA ALA D 24 -7.14 6.41 12.86
C ALA D 24 -5.68 6.15 12.53
N PHE D 25 -5.31 4.85 12.37
CA PHE D 25 -3.99 4.54 11.85
C PHE D 25 -4.04 3.97 10.43
N GLU D 26 -5.08 4.29 9.69
CA GLU D 26 -5.26 3.84 8.32
C GLU D 26 -4.12 4.28 7.41
N SER D 27 -3.48 5.44 7.69
CA SER D 27 -2.37 5.88 6.88
C SER D 27 -1.07 5.12 7.09
N THR D 28 -1.04 4.25 8.10
CA THR D 28 0.17 3.47 8.41
C THR D 28 0.24 2.32 7.43
N ARG D 29 1.31 2.29 6.61
CA ARG D 29 1.48 1.36 5.52
C ARG D 29 2.85 0.69 5.62
N PRO D 30 2.96 -0.43 6.37
CA PRO D 30 4.25 -1.08 6.57
C PRO D 30 5.10 -1.32 5.33
N GLU D 31 4.49 -1.68 4.20
CA GLU D 31 5.25 -1.94 2.99
C GLU D 31 5.99 -0.71 2.48
N GLU D 32 5.45 0.52 2.81
CA GLU D 32 6.09 1.74 2.38
C GLU D 32 7.21 2.17 3.32
N LEU D 33 7.34 1.53 4.46
CA LEU D 33 8.21 2.00 5.55
C LEU D 33 9.42 1.11 5.82
N THR D 34 9.70 0.14 4.95
CA THR D 34 10.73 -0.84 5.25
C THR D 34 12.12 -0.18 5.31
N GLY D 35 12.34 0.95 4.63
CA GLY D 35 13.64 1.61 4.72
C GLY D 35 13.83 2.49 5.95
N PHE D 36 12.79 2.57 6.80
CA PHE D 36 12.75 3.59 7.82
C PHE D 36 12.61 2.99 9.23
N VAL D 37 11.66 2.07 9.37
CA VAL D 37 11.51 1.36 10.61
C VAL D 37 12.86 0.82 11.09
N GLY D 38 13.13 0.99 12.37
CA GLY D 38 14.37 0.51 12.96
C GLY D 38 15.44 1.61 13.03
N LYS D 39 15.23 2.75 12.39
CA LYS D 39 16.24 3.79 12.37
C LYS D 39 16.43 4.38 13.76
N HIS D 40 17.66 4.78 14.05
CA HIS D 40 18.03 5.34 15.35
C HIS D 40 18.91 6.52 14.98
N LEU D 41 18.45 7.71 15.34
CA LEU D 41 18.97 8.96 14.90
C LEU D 41 19.33 9.82 16.09
N ILE D 42 20.50 10.46 16.02
CA ILE D 42 20.80 11.57 16.93
C ILE D 42 20.96 12.79 16.03
N TYR D 43 20.37 13.94 16.41
CA TYR D 43 20.34 15.10 15.57
C TYR D 43 20.36 16.38 16.39
N THR D 44 20.93 17.43 15.81
CA THR D 44 20.98 18.74 16.44
C THR D 44 20.27 19.77 15.56
N TYR D 45 19.20 20.38 16.13
CA TYR D 45 18.49 21.46 15.46
C TYR D 45 19.43 22.64 15.29
N ASP D 46 19.08 23.52 14.34
CA ASP D 46 19.84 24.71 14.07
C ASP D 46 19.92 25.67 15.26
N ASN D 47 18.97 25.58 16.22
CA ASN D 47 19.03 26.34 17.45
C ASN D 47 19.92 25.70 18.51
N GLY D 48 20.58 24.58 18.17
CA GLY D 48 21.52 23.91 19.07
C GLY D 48 20.92 22.78 19.93
N TRP D 49 19.59 22.62 19.94
CA TRP D 49 18.98 21.57 20.75
C TRP D 49 19.26 20.19 20.16
N GLN D 50 19.74 19.26 20.99
CA GLN D 50 20.15 17.91 20.56
C GLN D 50 19.13 16.86 21.01
N TYR D 51 18.56 16.16 20.04
CA TYR D 51 17.49 15.17 20.20
C TYR D 51 17.94 13.80 19.68
N GLU D 52 17.29 12.75 20.16
CA GLU D 52 17.58 11.37 19.73
C GLU D 52 16.21 10.64 19.55
N MET D 53 16.01 9.90 18.48
CA MET D 53 14.78 9.15 18.24
C MET D 53 15.10 7.73 17.77
N TYR D 54 14.27 6.79 18.19
CA TYR D 54 14.33 5.45 17.72
C TYR D 54 12.96 5.09 17.13
N VAL D 55 12.96 4.68 15.86
CA VAL D 55 11.73 4.29 15.19
C VAL D 55 11.50 2.80 15.46
N LYS D 56 10.86 2.51 16.58
CA LYS D 56 10.85 1.18 17.18
C LYS D 56 9.95 0.22 16.41
N ASN D 57 8.88 0.71 15.79
CA ASN D 57 8.07 -0.08 14.87
C ASN D 57 7.21 0.88 14.05
N GLU D 58 6.27 0.34 13.24
CA GLU D 58 5.58 1.15 12.28
C GLU D 58 4.72 2.23 12.94
N ARG D 59 4.43 2.12 14.25
CA ARG D 59 3.55 3.09 14.87
C ARG D 59 4.11 3.57 16.21
N THR D 60 5.39 3.32 16.51
CA THR D 60 5.92 3.66 17.80
C THR D 60 7.29 4.27 17.67
N ILE D 61 7.60 5.30 18.46
CA ILE D 61 8.95 5.80 18.64
C ILE D 61 9.24 5.84 20.15
N ASP D 62 10.52 5.81 20.45
CA ASP D 62 11.07 6.24 21.71
C ASP D 62 11.92 7.45 21.40
N TYR D 63 12.02 8.42 22.35
CA TYR D 63 12.85 9.57 22.10
C TYR D 63 13.48 10.07 23.37
N ARG D 64 14.52 10.87 23.20
CA ARG D 64 15.39 11.24 24.32
C ARG D 64 15.99 12.59 23.97
N ILE D 65 15.74 13.60 24.81
CA ILE D 65 16.24 14.91 24.57
C ILE D 65 17.49 15.18 25.39
N HIS D 66 18.51 15.65 24.75
CA HIS D 66 19.84 15.77 25.36
C HIS D 66 20.16 17.18 25.79
N SER D 67 19.63 18.19 25.08
CA SER D 67 19.94 19.56 25.44
C SER D 67 18.81 20.48 24.97
N GLY D 68 18.89 21.77 25.39
CA GLY D 68 17.88 22.73 24.95
C GLY D 68 16.80 22.95 26.01
N MET D 69 15.70 23.56 25.57
CA MET D 69 14.63 23.99 26.45
C MET D 69 14.08 22.84 27.31
N VAL D 70 14.06 21.59 26.79
CA VAL D 70 13.53 20.50 27.57
C VAL D 70 14.53 19.34 27.64
N GLY D 71 15.83 19.66 27.71
CA GLY D 71 16.87 18.65 27.83
C GLY D 71 16.70 17.85 29.14
N GLY D 72 16.89 16.54 29.05
CA GLY D 72 16.65 15.62 30.13
C GLY D 72 15.37 14.81 29.96
N ARG D 73 14.45 15.27 29.12
CA ARG D 73 13.16 14.60 28.93
C ARG D 73 13.36 13.33 28.08
N TRP D 74 12.70 12.24 28.47
CA TRP D 74 12.66 11.10 27.58
C TRP D 74 11.30 10.40 27.64
N VAL D 75 11.00 9.66 26.59
CA VAL D 75 9.67 9.14 26.29
C VAL D 75 9.83 7.78 25.61
N ARG D 76 9.15 6.76 26.12
CA ARG D 76 9.11 5.48 25.43
C ARG D 76 7.68 5.21 24.97
N ASP D 77 7.50 4.42 23.93
CA ASP D 77 6.24 3.89 23.44
C ASP D 77 5.25 4.99 23.05
N GLN D 78 5.76 6.05 22.44
CA GLN D 78 4.88 7.10 21.88
C GLN D 78 4.29 6.62 20.56
N LEU D 79 2.94 6.55 20.53
CA LEU D 79 2.25 6.20 19.32
C LEU D 79 2.36 7.35 18.31
N VAL D 80 2.71 7.01 17.08
CA VAL D 80 2.98 7.94 16.01
C VAL D 80 2.36 7.49 14.71
N HIS D 81 2.18 8.47 13.82
CA HIS D 81 1.80 8.28 12.43
C HIS D 81 3.08 8.46 11.58
N ILE D 82 3.53 7.36 10.99
CA ILE D 82 4.73 7.34 10.15
C ILE D 82 4.31 7.08 8.70
N VAL D 83 4.74 7.95 7.81
CA VAL D 83 4.43 7.91 6.39
C VAL D 83 5.68 8.19 5.56
N ARG D 84 5.77 7.45 4.44
CA ARG D 84 6.69 7.76 3.37
C ARG D 84 6.28 8.97 2.55
N LEU D 85 7.17 9.98 2.39
CA LEU D 85 6.93 11.06 1.45
C LEU D 85 7.62 10.87 0.11
N SER D 86 8.76 10.16 0.12
CA SER D 86 9.54 9.81 -1.04
C SER D 86 10.40 8.61 -0.64
N ASP D 87 11.23 8.17 -1.59
CA ASP D 87 12.18 7.11 -1.34
C ASP D 87 13.09 7.45 -0.15
N ASP D 88 13.47 8.72 -0.01
CA ASP D 88 14.43 9.16 0.98
C ASP D 88 13.82 9.91 2.16
N VAL D 89 12.59 10.36 2.05
CA VAL D 89 11.97 11.24 3.04
C VAL D 89 10.79 10.56 3.73
N TYR D 90 10.86 10.53 5.06
CA TYR D 90 9.75 10.01 5.87
C TYR D 90 9.25 11.05 6.85
N LYS D 91 8.00 10.91 7.25
CA LYS D 91 7.37 11.83 8.20
C LYS D 91 6.81 11.07 9.42
N ILE D 92 6.98 11.67 10.62
CA ILE D 92 6.46 11.15 11.86
C ILE D 92 5.72 12.24 12.62
N SER D 93 4.45 11.99 12.91
CA SER D 93 3.64 12.99 13.58
C SER D 93 2.93 12.39 14.80
N TRP D 94 2.70 13.20 15.82
CA TRP D 94 2.11 12.72 17.06
C TRP D 94 1.64 13.86 17.95
N ASP D 95 0.74 13.48 18.88
CA ASP D 95 0.15 14.29 19.90
C ASP D 95 0.70 13.83 21.23
N GLU D 96 1.02 14.77 22.12
CA GLU D 96 1.60 14.43 23.42
C GLU D 96 0.59 14.69 24.52
N PRO D 97 0.71 14.02 25.67
CA PRO D 97 -0.14 14.27 26.84
C PRO D 97 0.04 15.67 27.47
N THR D 98 1.10 16.38 27.10
CA THR D 98 1.34 17.75 27.50
C THR D 98 0.48 18.74 26.70
N GLY D 99 -0.11 18.31 25.55
CA GLY D 99 -0.79 19.22 24.63
C GLY D 99 0.08 19.56 23.43
N THR D 100 1.41 19.20 23.47
CA THR D 100 2.23 19.49 22.33
C THR D 100 1.86 18.61 21.15
N THR D 101 1.83 19.19 19.94
CA THR D 101 1.66 18.47 18.69
C THR D 101 2.97 18.60 17.88
N VAL D 102 3.37 17.57 17.16
CA VAL D 102 4.68 17.47 16.53
C VAL D 102 4.52 16.88 15.13
N SER D 103 5.31 17.40 14.18
CA SER D 103 5.54 16.66 12.94
C SER D 103 7.01 16.84 12.55
N VAL D 104 7.69 15.72 12.43
CA VAL D 104 9.09 15.66 11.99
C VAL D 104 9.14 15.01 10.60
N ALA D 105 10.05 15.48 9.76
CA ALA D 105 10.39 14.79 8.53
C ALA D 105 11.90 14.55 8.50
N VAL D 106 12.25 13.35 8.04
CA VAL D 106 13.64 12.91 7.93
C VAL D 106 13.98 12.65 6.48
N ASN D 107 15.13 13.25 6.08
CA ASN D 107 15.66 12.98 4.75
C ASN D 107 16.92 12.12 4.96
N LEU D 108 16.75 10.82 4.69
CA LEU D 108 17.82 9.86 5.03
C LEU D 108 19.02 10.10 4.14
N ALA D 109 18.79 10.48 2.87
CA ALA D 109 19.90 10.61 1.94
C ALA D 109 20.74 11.84 2.31
N GLU D 110 20.07 12.94 2.63
CA GLU D 110 20.77 14.18 2.93
C GLU D 110 21.17 14.29 4.42
N ARG D 111 20.76 13.34 5.24
CA ARG D 111 21.03 13.29 6.67
C ARG D 111 20.60 14.62 7.33
N ARG D 112 19.39 15.01 6.95
CA ARG D 112 18.76 16.19 7.54
C ARG D 112 17.39 15.84 8.08
N LEU D 113 16.98 16.56 9.14
CA LEU D 113 15.65 16.44 9.71
C LEU D 113 15.02 17.84 9.75
N HIS D 114 13.69 17.90 9.62
CA HIS D 114 12.97 19.10 9.90
C HIS D 114 11.87 18.84 10.90
N GLY D 115 11.78 19.67 11.94
CA GLY D 115 10.69 19.53 12.90
C GLY D 115 9.84 20.79 13.00
N VAL D 116 8.52 20.58 13.13
CA VAL D 116 7.63 21.62 13.63
C VAL D 116 7.04 21.09 14.94
N ILE D 117 7.20 21.87 15.98
CA ILE D 117 6.72 21.55 17.31
C ILE D 117 5.81 22.71 17.74
N PHE D 118 4.54 22.37 18.11
CA PHE D 118 3.62 23.37 18.61
C PHE D 118 3.44 23.18 20.09
N PHE D 119 4.22 23.92 20.88
CA PHE D 119 4.12 23.83 22.32
C PHE D 119 2.98 24.69 22.85
N PRO D 120 2.10 24.14 23.71
CA PRO D 120 1.30 24.96 24.61
C PRO D 120 2.08 26.04 25.37
N GLN D 121 1.43 27.16 25.64
CA GLN D 121 2.08 28.32 26.25
C GLN D 121 2.67 27.97 27.61
N TRP D 122 2.03 27.06 28.34
CA TRP D 122 2.50 26.69 29.68
C TRP D 122 3.89 26.07 29.61
N ILE D 123 4.18 25.35 28.54
CA ILE D 123 5.51 24.78 28.37
C ILE D 123 6.54 25.88 28.07
N ALA D 124 6.15 26.87 27.28
CA ALA D 124 7.04 27.98 26.95
C ALA D 124 7.45 28.70 28.24
N GLN D 125 6.49 28.87 29.15
CA GLN D 125 6.71 29.59 30.38
C GLN D 125 7.51 28.78 31.41
N ASP D 126 7.30 27.44 31.45
CA ASP D 126 7.97 26.66 32.47
C ASP D 126 8.37 25.29 31.91
N PRO D 127 9.31 25.25 30.95
CA PRO D 127 9.57 24.00 30.22
C PRO D 127 10.07 22.83 31.07
N LYS D 128 10.78 23.14 32.17
CA LYS D 128 11.29 22.09 33.05
C LYS D 128 10.18 21.21 33.62
N LYS D 129 8.95 21.72 33.71
CA LYS D 129 7.85 20.87 34.17
C LYS D 129 7.71 19.56 33.38
N THR D 130 8.19 19.55 32.14
CA THR D 130 8.03 18.40 31.23
C THR D 130 9.29 17.52 31.22
N VAL D 131 10.33 17.95 31.95
CA VAL D 131 11.61 17.23 31.97
C VAL D 131 11.52 16.09 33.00
N CYS D 132 11.29 14.91 32.45
CA CYS D 132 11.08 13.69 33.23
C CYS D 132 11.02 12.48 32.31
N PHE D 133 11.00 11.28 32.90
CA PHE D 133 10.58 10.13 32.12
C PHE D 133 9.05 10.17 32.02
N GLN D 134 8.57 10.62 30.88
CA GLN D 134 7.17 11.02 30.83
C GLN D 134 6.19 9.88 31.16
N ASN D 135 6.53 8.63 30.90
CA ASN D 135 5.66 7.50 30.99
C ASN D 135 5.15 7.31 32.43
N ASP D 136 5.88 7.86 33.41
CA ASP D 136 5.50 7.72 34.82
C ASP D 136 4.84 8.99 35.35
N HIS D 137 4.62 9.96 34.44
CA HIS D 137 4.09 11.25 34.84
C HIS D 137 2.96 11.66 33.91
N LEU D 138 2.19 10.72 33.40
CA LEU D 138 1.12 11.05 32.46
C LEU D 138 0.05 11.91 33.12
N ASP D 139 -0.39 11.57 34.33
CA ASP D 139 -1.44 12.35 34.97
C ASP D 139 -0.92 13.76 35.23
N GLU D 140 0.36 13.88 35.63
CA GLU D 140 0.89 15.21 35.90
C GLU D 140 0.92 16.04 34.63
N MET D 141 1.37 15.43 33.51
CA MET D 141 1.46 16.19 32.27
C MET D 141 0.08 16.67 31.87
N ARG D 142 -0.93 15.78 32.02
CA ARG D 142 -2.28 16.15 31.64
C ARG D 142 -2.85 17.24 32.55
N ALA D 143 -2.49 17.26 33.82
CA ALA D 143 -2.92 18.28 34.74
C ALA D 143 -2.35 19.63 34.33
N TYR D 144 -1.04 19.66 34.00
CA TYR D 144 -0.44 20.91 33.59
C TYR D 144 -1.12 21.36 32.28
N ARG D 145 -1.36 20.39 31.40
CA ARG D 145 -1.99 20.68 30.13
C ARG D 145 -3.35 21.34 30.36
N ASP D 146 -4.12 20.79 31.32
CA ASP D 146 -5.51 21.19 31.51
C ASP D 146 -5.59 22.54 32.22
N ALA D 147 -4.57 22.85 33.03
CA ALA D 147 -4.54 24.12 33.73
C ALA D 147 -4.20 25.25 32.75
N GLY D 148 -3.34 24.96 31.77
CA GLY D 148 -2.95 26.00 30.87
C GLY D 148 -1.90 26.93 31.44
N PRO D 149 -1.59 28.04 30.75
CA PRO D 149 -2.20 28.39 29.46
C PRO D 149 -1.90 27.45 28.31
N THR D 150 -2.79 27.45 27.33
CA THR D 150 -2.59 26.73 26.08
C THR D 150 -2.02 27.63 25.00
N TYR D 151 -2.60 28.83 24.90
CA TYR D 151 -2.32 29.73 23.80
C TYR D 151 -1.66 31.00 24.30
N PRO D 152 -0.83 31.67 23.47
CA PRO D 152 -0.47 31.23 22.12
C PRO D 152 0.51 30.06 22.13
N LYS D 153 0.51 29.29 21.06
CA LYS D 153 1.49 28.23 20.92
C LYS D 153 2.86 28.86 20.65
N LEU D 154 3.90 28.26 21.25
CA LEU D 154 5.28 28.52 20.85
C LEU D 154 5.58 27.53 19.77
N VAL D 155 5.76 28.04 18.56
CA VAL D 155 5.99 27.21 17.40
C VAL D 155 7.45 27.27 17.05
N ILE D 156 8.09 26.08 17.13
CA ILE D 156 9.47 25.90 16.72
C ILE D 156 9.46 25.14 15.41
N ASP D 157 9.94 25.79 14.34
CA ASP D 157 10.11 25.20 13.04
C ASP D 157 11.55 25.35 12.60
N GLU D 158 12.28 24.19 12.55
CA GLU D 158 13.70 24.22 12.47
C GLU D 158 14.22 22.98 11.75
N PHE D 159 15.26 23.19 10.96
CA PHE D 159 16.10 22.14 10.41
C PHE D 159 17.03 21.61 11.47
N ALA D 160 17.51 20.39 11.19
CA ALA D 160 18.53 19.75 12.08
C ALA D 160 19.47 18.96 11.20
N THR D 161 20.70 18.82 11.69
CA THR D 161 21.65 17.90 11.09
C THR D 161 21.56 16.56 11.83
N ILE D 162 21.43 15.47 11.08
CA ILE D 162 21.55 14.13 11.65
C ILE D 162 23.01 13.77 11.79
N THR D 163 23.50 13.72 13.04
CA THR D 163 24.91 13.53 13.33
C THR D 163 25.27 12.03 13.39
N PHE D 164 24.35 11.18 13.87
CA PHE D 164 24.55 9.75 13.98
C PHE D 164 23.25 9.05 13.52
N MET D 165 23.40 8.06 12.66
CA MET D 165 22.26 7.24 12.22
C MET D 165 22.69 5.78 12.08
N GLU D 166 21.85 4.88 12.63
CA GLU D 166 22.09 3.45 12.55
C GLU D 166 20.75 2.71 12.45
N ASP D 167 20.85 1.46 12.03
CA ASP D 167 19.68 0.58 11.92
C ASP D 167 19.75 -0.41 13.09
N CYS D 168 18.73 -0.36 13.93
CA CYS D 168 18.63 -1.17 15.13
C CYS D 168 17.60 -2.29 14.91
N GLY D 169 16.86 -2.31 13.78
CA GLY D 169 15.74 -3.25 13.65
C GLY D 169 14.62 -2.80 14.59
N ALA D 170 13.48 -3.51 14.52
CA ALA D 170 12.29 -3.26 15.26
C ALA D 170 12.35 -3.76 16.69
N ASP D 171 11.64 -3.05 17.58
CA ASP D 171 11.27 -3.56 18.91
C ASP D 171 12.49 -3.89 19.76
N ASP D 172 13.58 -3.14 19.58
CA ASP D 172 14.75 -3.30 20.45
C ASP D 172 14.53 -2.44 21.69
N GLU D 173 14.31 -3.08 22.85
CA GLU D 173 13.93 -2.31 24.00
C GLU D 173 15.13 -1.68 24.71
N THR D 174 16.33 -1.86 24.16
CA THR D 174 17.52 -1.38 24.87
C THR D 174 18.04 -0.06 24.33
N VAL D 175 17.50 0.37 23.18
CA VAL D 175 18.06 1.52 22.48
C VAL D 175 17.82 2.78 23.32
N ILE D 176 16.57 2.97 23.77
CA ILE D 176 16.26 4.13 24.58
C ILE D 176 15.67 3.66 25.91
N ALA D 177 16.57 3.43 26.88
CA ALA D 177 16.12 2.76 28.10
C ALA D 177 16.73 3.40 29.34
N CYS D 178 17.26 4.61 29.22
CA CYS D 178 17.68 5.35 30.38
C CYS D 178 17.64 6.86 30.11
N ALA D 179 17.76 7.63 31.18
CA ALA D 179 17.78 9.08 31.10
C ALA D 179 19.05 9.49 30.37
N PRO D 180 19.06 10.64 29.68
CA PRO D 180 20.24 11.12 29.00
C PRO D 180 21.46 11.38 29.88
N SER D 181 21.25 11.61 31.17
CA SER D 181 22.33 11.79 32.15
C SER D 181 23.02 10.49 32.49
N GLU D 182 22.36 9.33 32.20
CA GLU D 182 22.93 8.06 32.65
C GLU D 182 23.68 7.34 31.54
N LEU D 183 23.90 7.97 30.39
CA LEU D 183 24.53 7.28 29.29
C LEU D 183 26.04 7.35 29.48
N PRO D 184 26.77 6.43 28.80
CA PRO D 184 28.22 6.48 28.71
C PRO D 184 28.70 7.84 28.23
N ALA D 185 29.88 8.20 28.70
CA ALA D 185 30.39 9.57 28.55
C ALA D 185 30.21 10.23 27.16
N GLY D 186 30.68 9.70 26.05
CA GLY D 186 30.53 10.48 24.81
C GLY D 186 29.35 10.06 23.93
N TYR D 187 28.35 9.39 24.52
CA TYR D 187 27.33 8.69 23.74
C TYR D 187 26.71 9.61 22.71
N ALA D 188 26.21 10.78 23.14
CA ALA D 188 25.43 11.61 22.23
C ALA D 188 26.30 12.38 21.23
N ALA D 189 27.60 12.40 21.43
CA ALA D 189 28.52 13.09 20.53
C ALA D 189 29.06 12.15 19.44
N ARG D 190 28.80 10.84 19.52
CA ARG D 190 29.25 9.94 18.47
C ARG D 190 28.64 10.36 17.13
N ARG D 191 29.35 10.11 16.05
CA ARG D 191 28.95 10.45 14.71
C ARG D 191 29.26 9.30 13.79
N ASN D 192 28.58 9.36 12.62
CA ASN D 192 28.86 8.64 11.45
C ASN D 192 28.55 9.47 10.22
S SO4 E . -7.25 13.46 27.03
O1 SO4 E . -6.75 13.65 28.37
O2 SO4 E . -7.97 14.63 26.63
O3 SO4 E . -6.14 13.23 26.11
O4 SO4 E . -8.17 12.33 27.00
#